data_1L7B
#
_entry.id   1L7B
#
_cell.length_a   1.000
_cell.length_b   1.000
_cell.length_c   1.000
_cell.angle_alpha   90.00
_cell.angle_beta   90.00
_cell.angle_gamma   90.00
#
_symmetry.space_group_name_H-M   'P 1'
#
_entity_poly.entity_id   1
_entity_poly.type   'polypeptide(L)'
_entity_poly.pdbx_seq_one_letter_code
;MEKGGEALKGLTFVITGELSRPREEVKALLRRLGAKVTDSVSRKTSYLVVGENPGSKLEKARALGVPTLTEEELYRLLEA
RTGKKAEELVGS
;
_entity_poly.pdbx_strand_id   A
#
# COMPACT_ATOMS: atom_id res chain seq x y z
N MET A 1 21.37 9.44 -16.46
CA MET A 1 20.34 9.71 -17.49
C MET A 1 19.17 8.73 -17.31
N GLU A 2 19.45 7.55 -16.82
CA GLU A 2 18.36 6.55 -16.62
C GLU A 2 17.60 6.86 -15.32
N LYS A 3 16.44 7.44 -15.43
CA LYS A 3 15.64 7.77 -14.21
C LYS A 3 14.94 6.50 -13.70
N GLY A 4 14.80 5.52 -14.55
CA GLY A 4 14.13 4.25 -14.12
C GLY A 4 12.64 4.51 -13.87
N GLY A 5 12.29 4.81 -12.65
CA GLY A 5 10.85 5.08 -12.33
C GLY A 5 10.06 3.77 -12.39
N GLU A 6 10.37 2.84 -11.51
CA GLU A 6 9.64 1.54 -11.53
C GLU A 6 9.60 0.95 -10.11
N ALA A 7 9.68 1.78 -9.10
CA ALA A 7 9.66 1.27 -7.69
C ALA A 7 8.59 0.17 -7.55
N LEU A 8 7.36 0.54 -7.31
CA LEU A 8 6.27 -0.48 -7.19
C LEU A 8 5.08 0.00 -8.02
N LYS A 9 5.35 0.70 -9.08
CA LYS A 9 4.26 1.21 -9.95
C LYS A 9 3.66 0.05 -10.75
N GLY A 10 2.52 0.25 -11.36
CA GLY A 10 1.88 -0.85 -12.15
C GLY A 10 1.07 -1.74 -11.21
N LEU A 11 1.01 -1.41 -9.95
CA LEU A 11 0.24 -2.23 -8.98
C LEU A 11 -0.88 -1.39 -8.36
N THR A 12 -1.94 -2.05 -7.94
CA THR A 12 -3.07 -1.32 -7.31
C THR A 12 -3.22 -1.77 -5.86
N PHE A 13 -3.61 -0.89 -4.98
CA PHE A 13 -3.77 -1.26 -3.55
C PHE A 13 -5.13 -0.80 -3.04
N VAL A 14 -5.90 -1.70 -2.48
CA VAL A 14 -7.25 -1.34 -1.96
C VAL A 14 -7.25 -1.42 -0.43
N ILE A 15 -8.04 -0.59 0.21
CA ILE A 15 -8.10 -0.61 1.70
C ILE A 15 -9.50 -1.04 2.13
N THR A 16 -9.60 -2.12 2.86
CA THR A 16 -10.94 -2.59 3.33
C THR A 16 -11.55 -1.52 4.22
N GLY A 17 -12.46 -0.73 3.69
CA GLY A 17 -13.10 0.32 4.51
C GLY A 17 -12.02 1.25 5.07
N GLU A 18 -11.33 0.84 6.10
CA GLU A 18 -10.27 1.72 6.68
C GLU A 18 -9.10 0.89 7.22
N LEU A 19 -9.16 -0.42 7.12
CA LEU A 19 -8.04 -1.26 7.63
C LEU A 19 -7.95 -1.17 9.15
N SER A 20 -8.59 -0.20 9.77
CA SER A 20 -8.52 -0.03 11.26
C SER A 20 -7.33 0.88 11.59
N ARG A 21 -7.05 1.80 10.72
CA ARG A 21 -5.90 2.75 10.94
C ARG A 21 -5.99 3.86 9.90
N PRO A 22 -5.12 4.84 9.94
CA PRO A 22 -5.12 5.96 8.95
C PRO A 22 -4.81 5.47 7.54
N ARG A 23 -5.83 5.18 6.78
CA ARG A 23 -5.63 4.69 5.39
C ARG A 23 -5.41 5.88 4.44
N GLU A 24 -5.67 7.08 4.88
CA GLU A 24 -5.48 8.27 3.99
C GLU A 24 -4.00 8.65 3.96
N GLU A 25 -3.34 8.60 5.09
CA GLU A 25 -1.89 8.98 5.12
C GLU A 25 -1.10 8.02 4.22
N VAL A 26 -1.18 6.74 4.48
CA VAL A 26 -0.45 5.75 3.65
C VAL A 26 -0.88 5.88 2.19
N LYS A 27 -2.13 6.19 1.96
CA LYS A 27 -2.62 6.33 0.55
C LYS A 27 -2.07 7.63 -0.04
N ALA A 28 -1.88 8.64 0.76
CA ALA A 28 -1.35 9.93 0.25
C ALA A 28 0.08 9.70 -0.25
N LEU A 29 0.77 8.76 0.33
CA LEU A 29 2.16 8.47 -0.11
C LEU A 29 2.13 7.46 -1.26
N LEU A 30 1.15 6.58 -1.25
CA LEU A 30 1.05 5.56 -2.33
C LEU A 30 0.93 6.28 -3.68
N ARG A 31 0.01 7.19 -3.81
CA ARG A 31 -0.15 7.93 -5.09
C ARG A 31 1.19 8.59 -5.44
N ARG A 32 1.84 9.16 -4.46
CA ARG A 32 3.16 9.79 -4.71
C ARG A 32 4.12 8.74 -5.25
N LEU A 33 3.94 7.51 -4.84
CA LEU A 33 4.83 6.41 -5.31
C LEU A 33 4.47 6.02 -6.76
N GLY A 34 3.60 6.75 -7.40
CA GLY A 34 3.23 6.42 -8.80
C GLY A 34 2.18 5.32 -8.86
N ALA A 35 2.21 4.38 -7.93
CA ALA A 35 1.21 3.28 -7.96
C ALA A 35 -0.20 3.83 -7.73
N LYS A 36 -1.20 3.08 -8.10
CA LYS A 36 -2.61 3.54 -7.92
C LYS A 36 -3.24 2.82 -6.73
N VAL A 37 -4.35 3.29 -6.25
CA VAL A 37 -5.02 2.63 -5.09
C VAL A 37 -6.53 2.63 -5.28
N THR A 38 -7.24 1.87 -4.48
CA THR A 38 -8.72 1.82 -4.62
C THR A 38 -9.35 1.54 -3.25
N ASP A 39 -10.63 1.28 -3.23
CA ASP A 39 -11.33 0.99 -1.93
C ASP A 39 -12.59 0.18 -2.21
N SER A 40 -12.58 -0.60 -3.27
CA SER A 40 -13.76 -1.43 -3.62
C SER A 40 -13.27 -2.70 -4.32
N VAL A 41 -14.14 -3.63 -4.59
CA VAL A 41 -13.69 -4.89 -5.26
C VAL A 41 -14.74 -5.34 -6.29
N SER A 42 -14.31 -5.59 -7.49
CA SER A 42 -15.23 -6.05 -8.56
C SER A 42 -14.54 -7.13 -9.38
N ARG A 43 -13.23 -7.02 -9.51
CA ARG A 43 -12.45 -8.03 -10.29
C ARG A 43 -11.06 -7.45 -10.58
N LYS A 44 -11.00 -6.38 -11.32
CA LYS A 44 -9.69 -5.74 -11.66
C LYS A 44 -8.94 -5.38 -10.37
N THR A 45 -9.62 -5.27 -9.26
CA THR A 45 -8.93 -4.92 -7.99
C THR A 45 -8.29 -6.18 -7.39
N SER A 46 -8.84 -6.68 -6.31
CA SER A 46 -8.28 -7.91 -5.66
C SER A 46 -6.84 -7.66 -5.19
N TYR A 47 -6.56 -6.45 -4.80
CA TYR A 47 -5.19 -6.10 -4.30
C TYR A 47 -5.37 -5.22 -3.07
N LEU A 48 -4.92 -5.65 -1.92
CA LEU A 48 -5.09 -4.82 -0.68
C LEU A 48 -3.74 -4.66 0.04
N VAL A 49 -3.57 -3.54 0.70
CA VAL A 49 -2.30 -3.30 1.46
C VAL A 49 -2.47 -3.81 2.89
N VAL A 50 -1.78 -4.85 3.26
CA VAL A 50 -1.93 -5.40 4.64
C VAL A 50 -1.04 -4.59 5.59
N GLY A 51 -1.58 -3.60 6.27
CA GLY A 51 -0.76 -2.78 7.19
C GLY A 51 -1.04 -3.18 8.64
N GLU A 52 -2.23 -2.95 9.12
CA GLU A 52 -2.56 -3.31 10.54
C GLU A 52 -2.52 -4.84 10.72
N ASN A 53 -2.94 -5.30 11.86
CA ASN A 53 -2.97 -6.78 12.12
C ASN A 53 -4.43 -7.22 12.23
N PRO A 54 -5.16 -6.73 13.21
CA PRO A 54 -6.60 -7.05 13.40
C PRO A 54 -7.46 -6.11 12.54
N GLY A 55 -6.83 -5.45 11.61
CA GLY A 55 -7.55 -4.48 10.73
C GLY A 55 -8.78 -5.12 10.10
N SER A 56 -9.72 -4.31 9.69
CA SER A 56 -10.95 -4.85 9.03
C SER A 56 -10.53 -5.57 7.74
N LYS A 57 -9.32 -5.32 7.30
CA LYS A 57 -8.81 -5.98 6.07
C LYS A 57 -8.86 -7.50 6.23
N LEU A 58 -8.95 -7.99 7.44
CA LEU A 58 -9.01 -9.47 7.66
C LEU A 58 -9.95 -10.11 6.64
N GLU A 59 -10.87 -9.37 6.10
CA GLU A 59 -11.80 -9.94 5.10
C GLU A 59 -11.06 -10.14 3.77
N LYS A 60 -10.53 -9.08 3.20
CA LYS A 60 -9.79 -9.22 1.91
C LYS A 60 -8.33 -9.62 2.18
N ALA A 61 -7.83 -9.28 3.33
CA ALA A 61 -6.41 -9.62 3.66
C ALA A 61 -6.27 -11.13 3.90
N ARG A 62 -7.28 -11.77 4.41
CA ARG A 62 -7.19 -13.24 4.63
C ARG A 62 -7.54 -13.92 3.31
N ALA A 63 -8.56 -13.44 2.65
CA ALA A 63 -9.01 -13.97 1.32
C ALA A 63 -8.95 -15.50 1.23
N LEU A 64 -10.08 -16.12 1.05
CA LEU A 64 -10.11 -17.61 0.91
C LEU A 64 -9.87 -17.95 -0.57
N GLY A 65 -9.11 -17.13 -1.25
CA GLY A 65 -8.84 -17.37 -2.69
C GLY A 65 -8.35 -16.06 -3.31
N VAL A 66 -8.89 -14.96 -2.86
CA VAL A 66 -8.49 -13.63 -3.41
C VAL A 66 -7.02 -13.33 -3.03
N PRO A 67 -6.29 -12.66 -3.89
CA PRO A 67 -4.87 -12.31 -3.63
C PRO A 67 -4.73 -10.98 -2.86
N THR A 68 -3.95 -10.98 -1.81
CA THR A 68 -3.75 -9.74 -1.00
C THR A 68 -2.32 -9.24 -1.23
N LEU A 69 -2.11 -7.95 -1.28
CA LEU A 69 -0.73 -7.43 -1.51
C LEU A 69 -0.10 -7.00 -0.18
N THR A 70 0.99 -7.62 0.19
CA THR A 70 1.66 -7.26 1.47
C THR A 70 2.01 -5.77 1.46
N GLU A 71 1.61 -5.04 2.48
CA GLU A 71 1.95 -3.59 2.52
C GLU A 71 3.46 -3.43 2.75
N GLU A 72 4.08 -4.45 3.29
CA GLU A 72 5.56 -4.39 3.54
C GLU A 72 6.26 -4.02 2.23
N GLU A 73 6.00 -4.75 1.18
CA GLU A 73 6.65 -4.43 -0.14
C GLU A 73 6.42 -2.95 -0.46
N LEU A 74 5.24 -2.46 -0.21
CA LEU A 74 4.95 -1.02 -0.48
C LEU A 74 5.82 -0.16 0.45
N TYR A 75 5.99 -0.59 1.67
CA TYR A 75 6.83 0.20 2.62
C TYR A 75 8.30 0.13 2.19
N ARG A 76 8.70 -0.96 1.58
CA ARG A 76 10.11 -1.08 1.14
C ARG A 76 10.39 -0.13 -0.03
N LEU A 77 9.92 -0.47 -1.21
CA LEU A 77 10.18 0.40 -2.40
C LEU A 77 9.87 1.86 -2.07
N LEU A 78 9.00 2.11 -1.11
CA LEU A 78 8.71 3.53 -0.74
C LEU A 78 10.01 4.16 -0.24
N GLU A 79 10.51 3.69 0.86
CA GLU A 79 11.79 4.24 1.40
C GLU A 79 12.89 4.03 0.36
N ALA A 80 13.04 2.82 -0.13
CA ALA A 80 14.09 2.51 -1.15
C ALA A 80 13.95 3.45 -2.35
N ARG A 81 12.87 4.18 -2.45
CA ARG A 81 12.70 5.13 -3.58
C ARG A 81 12.67 6.55 -3.03
N THR A 82 12.08 6.74 -1.87
CA THR A 82 12.03 8.10 -1.26
C THR A 82 13.43 8.49 -0.81
N GLY A 83 14.11 7.61 -0.13
CA GLY A 83 15.49 7.91 0.35
C GLY A 83 15.41 8.65 1.69
N LYS A 84 14.26 8.60 2.33
CA LYS A 84 14.10 9.29 3.64
C LYS A 84 13.04 8.56 4.47
N LYS A 85 12.97 8.84 5.75
CA LYS A 85 11.96 8.16 6.62
C LYS A 85 10.56 8.54 6.14
N ALA A 86 9.64 7.61 6.13
CA ALA A 86 8.26 7.92 5.69
C ALA A 86 7.54 8.67 6.82
N GLU A 87 7.99 8.50 8.03
CA GLU A 87 7.36 9.21 9.19
C GLU A 87 7.94 10.61 9.29
N GLU A 88 9.17 10.79 8.85
CA GLU A 88 9.83 12.13 8.90
C GLU A 88 10.09 12.52 10.37
N LEU A 89 10.27 11.55 11.23
CA LEU A 89 10.54 11.84 12.66
C LEU A 89 11.16 10.61 13.34
N VAL A 90 10.59 10.14 14.42
CA VAL A 90 11.13 8.94 15.12
C VAL A 90 12.53 9.26 15.68
N GLY A 91 13.54 9.16 14.84
CA GLY A 91 14.92 9.45 15.31
C GLY A 91 15.94 8.78 14.39
N SER A 92 16.65 7.81 14.89
CA SER A 92 17.66 7.11 14.05
C SER A 92 17.79 5.66 14.51
N MET A 1 17.59 -4.77 -17.00
CA MET A 1 18.26 -4.69 -15.67
C MET A 1 17.95 -3.35 -15.00
N GLU A 2 17.06 -2.58 -15.58
CA GLU A 2 16.70 -1.26 -14.98
C GLU A 2 15.87 -1.48 -13.71
N LYS A 3 16.51 -1.43 -12.57
CA LYS A 3 15.77 -1.63 -11.29
C LYS A 3 15.19 -0.29 -10.81
N GLY A 4 15.32 0.74 -11.61
CA GLY A 4 14.77 2.08 -11.23
C GLY A 4 13.67 2.47 -12.21
N GLY A 5 13.25 3.71 -12.17
CA GLY A 5 12.18 4.18 -13.10
C GLY A 5 10.87 3.44 -12.79
N GLU A 6 10.63 3.16 -11.53
CA GLU A 6 9.37 2.45 -11.16
C GLU A 6 9.24 2.33 -9.64
N ALA A 7 10.12 1.58 -9.00
CA ALA A 7 10.03 1.37 -7.53
C ALA A 7 8.97 0.29 -7.29
N LEU A 8 7.74 0.66 -7.11
CA LEU A 8 6.66 -0.36 -6.93
C LEU A 8 5.55 -0.09 -7.95
N LYS A 9 5.66 1.02 -8.66
CA LYS A 9 4.63 1.39 -9.68
C LYS A 9 4.28 0.19 -10.56
N GLY A 10 3.28 0.34 -11.41
CA GLY A 10 2.87 -0.78 -12.30
C GLY A 10 1.74 -1.56 -11.63
N LEU A 11 1.49 -1.30 -10.38
CA LEU A 11 0.39 -2.01 -9.64
C LEU A 11 -0.52 -0.99 -8.97
N THR A 12 -1.55 -1.47 -8.34
CA THR A 12 -2.51 -0.55 -7.66
C THR A 12 -2.65 -0.98 -6.19
N PHE A 13 -2.95 -0.05 -5.32
CA PHE A 13 -3.09 -0.39 -3.87
C PHE A 13 -4.48 0.05 -3.39
N VAL A 14 -5.15 -0.78 -2.64
CA VAL A 14 -6.51 -0.42 -2.14
C VAL A 14 -6.57 -0.59 -0.63
N ILE A 15 -7.49 0.08 0.02
CA ILE A 15 -7.63 -0.05 1.50
C ILE A 15 -9.06 -0.53 1.82
N THR A 16 -9.22 -1.46 2.72
CA THR A 16 -10.58 -1.97 3.04
C THR A 16 -11.51 -0.82 3.47
N GLY A 17 -11.03 0.40 3.48
CA GLY A 17 -11.88 1.55 3.91
C GLY A 17 -12.13 1.42 5.40
N GLU A 18 -11.21 0.79 6.10
CA GLU A 18 -11.35 0.60 7.57
C GLU A 18 -10.15 -0.22 8.06
N LEU A 19 -9.04 -0.13 7.38
CA LEU A 19 -7.84 -0.91 7.80
C LEU A 19 -7.53 -0.64 9.28
N SER A 20 -8.02 0.47 9.80
CA SER A 20 -7.77 0.84 11.23
C SER A 20 -6.47 1.66 11.32
N ARG A 21 -6.22 2.47 10.34
CA ARG A 21 -4.99 3.31 10.34
C ARG A 21 -5.22 4.54 9.44
N PRO A 22 -4.29 5.47 9.40
CA PRO A 22 -4.42 6.69 8.54
C PRO A 22 -4.29 6.35 7.04
N ARG A 23 -4.80 5.21 6.66
CA ARG A 23 -4.71 4.73 5.24
C ARG A 23 -4.99 5.85 4.24
N GLU A 24 -5.53 6.96 4.65
CA GLU A 24 -5.77 8.08 3.68
C GLU A 24 -4.45 8.86 3.53
N GLU A 25 -3.86 9.22 4.64
CA GLU A 25 -2.57 9.97 4.60
C GLU A 25 -1.57 9.19 3.75
N VAL A 26 -1.37 7.93 4.06
CA VAL A 26 -0.41 7.11 3.27
C VAL A 26 -0.89 7.04 1.82
N LYS A 27 -2.18 6.98 1.61
CA LYS A 27 -2.72 6.93 0.20
C LYS A 27 -2.09 8.06 -0.61
N ALA A 28 -1.96 9.22 -0.03
CA ALA A 28 -1.33 10.36 -0.75
C ALA A 28 0.13 10.01 -1.00
N LEU A 29 0.75 9.37 -0.06
CA LEU A 29 2.19 8.97 -0.23
C LEU A 29 2.25 7.80 -1.23
N LEU A 30 1.23 6.98 -1.24
CA LEU A 30 1.20 5.82 -2.18
C LEU A 30 0.98 6.34 -3.61
N ARG A 31 0.00 7.18 -3.80
CA ARG A 31 -0.26 7.73 -5.16
C ARG A 31 0.98 8.47 -5.65
N ARG A 32 1.58 9.24 -4.79
CA ARG A 32 2.81 9.98 -5.16
C ARG A 32 3.86 8.97 -5.66
N LEU A 33 3.83 7.79 -5.12
CA LEU A 33 4.82 6.74 -5.54
C LEU A 33 4.46 6.17 -6.92
N GLY A 34 3.61 6.85 -7.67
CA GLY A 34 3.26 6.36 -9.02
C GLY A 34 2.13 5.31 -8.96
N ALA A 35 2.30 4.28 -8.18
CA ALA A 35 1.25 3.22 -8.09
C ALA A 35 -0.13 3.85 -7.88
N LYS A 36 -1.14 3.32 -8.52
CA LYS A 36 -2.52 3.86 -8.36
C LYS A 36 -3.04 3.52 -6.95
N VAL A 37 -3.99 4.26 -6.46
CA VAL A 37 -4.54 3.96 -5.10
C VAL A 37 -6.07 3.96 -5.15
N THR A 38 -6.70 3.20 -4.28
CA THR A 38 -8.19 3.15 -4.27
C THR A 38 -8.66 2.69 -2.87
N ASP A 39 -9.91 2.34 -2.73
CA ASP A 39 -10.42 1.89 -1.41
C ASP A 39 -11.51 0.82 -1.58
N SER A 40 -11.84 0.48 -2.81
CA SER A 40 -12.89 -0.55 -3.04
C SER A 40 -12.38 -1.56 -4.07
N VAL A 41 -12.94 -2.75 -4.09
CA VAL A 41 -12.48 -3.79 -5.05
C VAL A 41 -13.70 -4.41 -5.75
N SER A 42 -13.54 -4.76 -7.01
CA SER A 42 -14.67 -5.37 -7.76
C SER A 42 -14.13 -6.27 -8.87
N ARG A 43 -12.99 -5.94 -9.41
CA ARG A 43 -12.40 -6.78 -10.50
C ARG A 43 -11.05 -6.18 -10.90
N LYS A 44 -11.08 -5.05 -11.56
CA LYS A 44 -9.82 -4.39 -12.00
C LYS A 44 -9.02 -3.93 -10.78
N THR A 45 -9.61 -4.01 -9.61
CA THR A 45 -8.90 -3.58 -8.37
C THR A 45 -8.95 -4.71 -7.35
N SER A 46 -7.81 -5.28 -7.02
CA SER A 46 -7.78 -6.39 -6.03
C SER A 46 -6.42 -6.40 -5.33
N TYR A 47 -6.13 -5.37 -4.59
CA TYR A 47 -4.82 -5.28 -3.87
C TYR A 47 -5.03 -4.59 -2.53
N LEU A 48 -4.59 -5.18 -1.45
CA LEU A 48 -4.77 -4.55 -0.12
C LEU A 48 -3.40 -4.32 0.54
N VAL A 49 -3.12 -3.10 0.90
CA VAL A 49 -1.83 -2.82 1.60
C VAL A 49 -2.00 -3.29 3.04
N VAL A 50 -1.57 -4.50 3.33
CA VAL A 50 -1.74 -5.01 4.73
C VAL A 50 -0.88 -4.15 5.66
N GLY A 51 -1.46 -3.14 6.25
CA GLY A 51 -0.66 -2.24 7.14
C GLY A 51 -0.83 -2.61 8.61
N GLU A 52 -2.00 -2.35 9.18
CA GLU A 52 -2.19 -2.67 10.62
C GLU A 52 -2.18 -4.18 10.86
N ASN A 53 -2.65 -4.59 12.00
CA ASN A 53 -2.69 -6.05 12.34
C ASN A 53 -4.15 -6.48 12.58
N PRO A 54 -4.87 -5.77 13.40
CA PRO A 54 -6.30 -6.06 13.69
C PRO A 54 -7.22 -5.29 12.74
N GLY A 55 -6.65 -4.73 11.71
CA GLY A 55 -7.46 -3.93 10.73
C GLY A 55 -8.60 -4.77 10.17
N SER A 56 -9.57 -4.13 9.57
CA SER A 56 -10.71 -4.88 8.97
C SER A 56 -10.25 -5.53 7.66
N LYS A 57 -9.05 -5.23 7.24
CA LYS A 57 -8.50 -5.82 6.00
C LYS A 57 -8.57 -7.35 6.05
N LEU A 58 -8.69 -7.90 7.24
CA LEU A 58 -8.75 -9.39 7.37
C LEU A 58 -9.70 -9.97 6.32
N GLU A 59 -10.63 -9.18 5.84
CA GLU A 59 -11.58 -9.68 4.80
C GLU A 59 -10.83 -9.87 3.48
N LYS A 60 -10.28 -8.83 2.93
CA LYS A 60 -9.54 -8.98 1.63
C LYS A 60 -8.13 -9.48 1.91
N ALA A 61 -7.57 -9.10 3.04
CA ALA A 61 -6.19 -9.54 3.38
C ALA A 61 -6.19 -11.07 3.54
N ARG A 62 -7.20 -11.64 4.14
CA ARG A 62 -7.24 -13.12 4.27
C ARG A 62 -7.51 -13.67 2.87
N ALA A 63 -8.32 -12.98 2.11
CA ALA A 63 -8.63 -13.40 0.71
C ALA A 63 -9.35 -14.74 0.66
N LEU A 64 -10.16 -14.90 -0.34
CA LEU A 64 -10.90 -16.18 -0.56
C LEU A 64 -10.59 -16.64 -1.99
N GLY A 65 -9.69 -15.93 -2.63
CA GLY A 65 -9.30 -16.25 -4.03
C GLY A 65 -8.60 -15.01 -4.60
N VAL A 66 -8.96 -13.86 -4.09
CA VAL A 66 -8.35 -12.59 -4.58
C VAL A 66 -6.95 -12.42 -3.99
N PRO A 67 -6.12 -11.61 -4.61
CA PRO A 67 -4.73 -11.36 -4.16
C PRO A 67 -4.63 -10.18 -3.17
N THR A 68 -3.67 -10.25 -2.27
CA THR A 68 -3.47 -9.16 -1.27
C THR A 68 -2.00 -8.71 -1.35
N LEU A 69 -1.73 -7.44 -1.24
CA LEU A 69 -0.31 -6.98 -1.36
C LEU A 69 0.22 -6.47 0.00
N THR A 70 1.22 -7.12 0.52
CA THR A 70 1.79 -6.68 1.83
C THR A 70 2.19 -5.21 1.77
N GLU A 71 1.85 -4.44 2.78
CA GLU A 71 2.23 -2.99 2.77
C GLU A 71 3.71 -2.85 3.13
N GLU A 72 4.26 -3.84 3.78
CA GLU A 72 5.70 -3.76 4.16
C GLU A 72 6.56 -3.55 2.92
N GLU A 73 6.42 -4.41 1.93
CA GLU A 73 7.20 -4.25 0.68
C GLU A 73 6.95 -2.86 0.09
N LEU A 74 5.76 -2.36 0.23
CA LEU A 74 5.44 -1.01 -0.32
C LEU A 74 6.25 0.04 0.46
N TYR A 75 6.35 -0.12 1.75
CA TYR A 75 7.13 0.86 2.56
C TYR A 75 8.60 0.82 2.13
N ARG A 76 9.04 -0.30 1.62
CA ARG A 76 10.45 -0.41 1.16
C ARG A 76 10.63 0.47 -0.08
N LEU A 77 10.07 0.07 -1.20
CA LEU A 77 10.21 0.87 -2.44
C LEU A 77 9.91 2.34 -2.17
N LEU A 78 9.05 2.63 -1.22
CA LEU A 78 8.74 4.06 -0.90
C LEU A 78 10.04 4.76 -0.49
N GLU A 79 10.51 4.50 0.71
CA GLU A 79 11.79 5.14 1.16
C GLU A 79 12.86 4.93 0.09
N ALA A 80 12.95 3.73 -0.43
CA ALA A 80 13.95 3.41 -1.49
C ALA A 80 13.69 4.26 -2.75
N ARG A 81 12.56 4.91 -2.81
CA ARG A 81 12.24 5.77 -4.00
C ARG A 81 12.28 7.23 -3.58
N THR A 82 11.72 7.56 -2.44
CA THR A 82 11.73 8.97 -1.97
C THR A 82 13.16 9.33 -1.56
N GLY A 83 13.83 8.43 -0.90
CA GLY A 83 15.23 8.68 -0.46
C GLY A 83 15.21 9.39 0.89
N LYS A 84 14.09 9.37 1.56
CA LYS A 84 14.00 10.03 2.90
C LYS A 84 13.08 9.22 3.80
N LYS A 85 13.21 9.37 5.09
CA LYS A 85 12.34 8.60 6.02
C LYS A 85 10.89 9.12 5.94
N ALA A 86 10.06 8.44 5.21
CA ALA A 86 8.64 8.88 5.08
C ALA A 86 8.01 8.96 6.47
N GLU A 87 8.47 8.15 7.38
CA GLU A 87 7.93 8.16 8.77
C GLU A 87 8.11 9.55 9.38
N GLU A 88 9.22 10.18 9.09
CA GLU A 88 9.51 11.55 9.64
C GLU A 88 9.51 11.50 11.17
N LEU A 89 9.51 10.32 11.74
CA LEU A 89 9.50 10.21 13.23
C LEU A 89 10.70 9.35 13.68
N VAL A 90 11.37 8.72 12.76
CA VAL A 90 12.55 7.88 13.12
C VAL A 90 12.19 6.97 14.29
N GLY A 91 11.06 6.31 14.23
CA GLY A 91 10.66 5.41 15.34
C GLY A 91 10.54 6.21 16.65
N SER A 92 9.53 7.04 16.77
CA SER A 92 9.35 7.85 18.01
C SER A 92 10.65 8.60 18.31
N MET A 1 7.52 -2.41 -15.08
CA MET A 1 7.96 -3.81 -15.32
C MET A 1 9.22 -3.80 -16.19
N GLU A 2 9.08 -3.52 -17.46
CA GLU A 2 10.27 -3.48 -18.36
C GLU A 2 10.85 -2.07 -18.37
N LYS A 3 10.01 -1.08 -18.33
CA LYS A 3 10.49 0.33 -18.34
C LYS A 3 10.90 0.74 -16.93
N GLY A 4 10.74 -0.14 -15.97
CA GLY A 4 11.12 0.19 -14.56
C GLY A 4 9.93 0.84 -13.86
N GLY A 5 9.31 1.80 -14.50
CA GLY A 5 8.14 2.50 -13.88
C GLY A 5 8.63 3.50 -12.82
N GLU A 6 8.44 3.19 -11.57
CA GLU A 6 8.89 4.12 -10.49
C GLU A 6 9.43 3.30 -9.33
N ALA A 7 10.06 2.18 -9.62
CA ALA A 7 10.63 1.30 -8.56
C ALA A 7 9.51 0.47 -7.92
N LEU A 8 8.38 1.08 -7.64
CA LEU A 8 7.24 0.33 -7.02
C LEU A 8 6.06 0.37 -8.01
N LYS A 9 6.09 1.31 -8.92
CA LYS A 9 4.99 1.48 -9.93
C LYS A 9 4.58 0.13 -10.54
N GLY A 10 3.55 0.17 -11.35
CA GLY A 10 3.06 -1.08 -12.01
C GLY A 10 2.23 -1.88 -11.00
N LEU A 11 2.29 -1.50 -9.75
CA LEU A 11 1.52 -2.23 -8.70
C LEU A 11 0.36 -1.34 -8.23
N THR A 12 -0.46 -1.86 -7.35
CA THR A 12 -1.61 -1.06 -6.84
C THR A 12 -1.85 -1.41 -5.37
N PHE A 13 -2.15 -0.43 -4.56
CA PHE A 13 -2.40 -0.70 -3.11
C PHE A 13 -3.78 -0.19 -2.74
N VAL A 14 -4.59 -1.05 -2.17
CA VAL A 14 -5.98 -0.64 -1.79
C VAL A 14 -6.15 -0.74 -0.27
N ILE A 15 -7.05 0.05 0.28
CA ILE A 15 -7.29 0.02 1.74
C ILE A 15 -8.72 -0.49 1.99
N THR A 16 -8.89 -1.55 2.74
CA THR A 16 -10.27 -2.07 2.98
C THR A 16 -11.03 -1.06 3.86
N GLY A 17 -11.54 -0.01 3.26
CA GLY A 17 -12.28 1.03 4.04
C GLY A 17 -11.33 1.67 5.05
N GLU A 18 -10.96 0.92 6.06
CA GLU A 18 -10.01 1.45 7.08
C GLU A 18 -9.26 0.26 7.68
N LEU A 19 -8.03 0.06 7.30
CA LEU A 19 -7.25 -1.09 7.85
C LEU A 19 -7.04 -0.91 9.36
N SER A 20 -7.49 0.20 9.91
CA SER A 20 -7.31 0.48 11.38
C SER A 20 -5.96 1.17 11.58
N ARG A 21 -5.45 1.76 10.53
CA ARG A 21 -4.14 2.48 10.60
C ARG A 21 -4.28 3.80 9.84
N PRO A 22 -3.25 4.63 9.83
CA PRO A 22 -3.29 5.93 9.10
C PRO A 22 -3.32 5.73 7.58
N ARG A 23 -4.00 4.69 7.14
CA ARG A 23 -4.10 4.36 5.69
C ARG A 23 -4.40 5.60 4.84
N GLU A 24 -4.83 6.67 5.44
CA GLU A 24 -5.11 7.91 4.65
C GLU A 24 -3.77 8.63 4.41
N GLU A 25 -3.15 9.04 5.49
CA GLU A 25 -1.83 9.75 5.37
C GLU A 25 -0.91 8.93 4.46
N VAL A 26 -0.78 7.65 4.72
CA VAL A 26 0.09 6.79 3.88
C VAL A 26 -0.44 6.78 2.44
N LYS A 27 -1.75 6.87 2.27
CA LYS A 27 -2.32 6.87 0.89
C LYS A 27 -1.65 7.98 0.08
N ALA A 28 -1.41 9.11 0.71
CA ALA A 28 -0.74 10.23 -0.01
C ALA A 28 0.69 9.79 -0.33
N LEU A 29 1.29 9.06 0.57
CA LEU A 29 2.68 8.56 0.32
C LEU A 29 2.62 7.42 -0.70
N LEU A 30 1.51 6.74 -0.79
CA LEU A 30 1.35 5.62 -1.76
C LEU A 30 1.23 6.19 -3.17
N ARG A 31 0.38 7.16 -3.36
CA ARG A 31 0.21 7.77 -4.71
C ARG A 31 1.56 8.28 -5.20
N ARG A 32 2.30 8.92 -4.33
CA ARG A 32 3.64 9.44 -4.72
C ARG A 32 4.50 8.24 -5.14
N LEU A 33 4.23 7.09 -4.57
CA LEU A 33 5.02 5.86 -4.89
C LEU A 33 4.72 5.38 -6.32
N GLY A 34 3.99 6.15 -7.10
CA GLY A 34 3.69 5.72 -8.50
C GLY A 34 2.55 4.71 -8.51
N ALA A 35 2.61 3.71 -7.68
CA ALA A 35 1.53 2.67 -7.64
C ALA A 35 0.16 3.33 -7.50
N LYS A 36 -0.83 2.82 -8.20
CA LYS A 36 -2.20 3.42 -8.10
C LYS A 36 -2.75 3.19 -6.70
N VAL A 37 -3.65 4.02 -6.25
CA VAL A 37 -4.22 3.84 -4.88
C VAL A 37 -5.75 3.72 -4.98
N THR A 38 -6.35 3.02 -4.06
CA THR A 38 -7.84 2.85 -4.08
C THR A 38 -8.30 2.35 -2.72
N ASP A 39 -9.54 1.93 -2.61
CA ASP A 39 -10.05 1.41 -1.30
C ASP A 39 -11.08 0.30 -1.53
N SER A 40 -11.35 -0.04 -2.77
CA SER A 40 -12.35 -1.11 -3.06
C SER A 40 -11.80 -1.99 -4.20
N VAL A 41 -12.58 -2.96 -4.63
CA VAL A 41 -12.10 -3.85 -5.73
C VAL A 41 -13.26 -4.20 -6.67
N SER A 42 -12.96 -4.51 -7.90
CA SER A 42 -14.02 -4.88 -8.87
C SER A 42 -13.55 -6.06 -9.72
N ARG A 43 -12.42 -5.93 -10.36
CA ARG A 43 -11.91 -7.06 -11.21
C ARG A 43 -10.51 -6.70 -11.77
N LYS A 44 -9.81 -5.79 -11.14
CA LYS A 44 -8.46 -5.42 -11.64
C LYS A 44 -7.74 -4.55 -10.59
N THR A 45 -8.13 -4.69 -9.35
CA THR A 45 -7.49 -3.87 -8.27
C THR A 45 -7.56 -4.66 -6.95
N SER A 46 -7.43 -5.95 -7.01
CA SER A 46 -7.50 -6.77 -5.77
C SER A 46 -6.12 -6.85 -5.11
N TYR A 47 -5.76 -5.81 -4.43
CA TYR A 47 -4.45 -5.76 -3.72
C TYR A 47 -4.58 -4.85 -2.50
N LEU A 48 -4.26 -5.32 -1.33
CA LEU A 48 -4.38 -4.46 -0.13
C LEU A 48 -3.03 -4.35 0.56
N VAL A 49 -2.72 -3.21 1.09
CA VAL A 49 -1.43 -3.02 1.80
C VAL A 49 -1.65 -3.34 3.27
N VAL A 50 -1.01 -4.37 3.77
CA VAL A 50 -1.23 -4.74 5.20
C VAL A 50 -1.08 -3.51 6.10
N GLY A 51 -1.51 -3.61 7.32
CA GLY A 51 -1.41 -2.43 8.25
C GLY A 51 -1.15 -2.90 9.68
N GLU A 52 -2.18 -3.26 10.39
CA GLU A 52 -2.01 -3.69 11.81
C GLU A 52 -2.35 -5.18 11.99
N ASN A 53 -3.10 -5.51 13.02
CA ASN A 53 -3.48 -6.92 13.27
C ASN A 53 -5.01 -7.05 13.30
N PRO A 54 -5.66 -6.41 14.26
CA PRO A 54 -7.14 -6.45 14.37
C PRO A 54 -7.80 -5.52 13.34
N GLY A 55 -7.06 -5.13 12.35
CA GLY A 55 -7.61 -4.21 11.31
C GLY A 55 -8.74 -4.89 10.54
N SER A 56 -9.54 -4.12 9.85
CA SER A 56 -10.67 -4.70 9.07
C SER A 56 -10.09 -5.44 7.86
N LYS A 57 -8.80 -5.32 7.66
CA LYS A 57 -8.15 -6.00 6.50
C LYS A 57 -8.38 -7.50 6.59
N LEU A 58 -8.72 -8.00 7.74
CA LEU A 58 -8.97 -9.47 7.90
C LEU A 58 -9.86 -9.97 6.75
N GLU A 59 -10.63 -9.10 6.16
CA GLU A 59 -11.52 -9.54 5.03
C GLU A 59 -10.70 -9.69 3.75
N LYS A 60 -10.14 -8.62 3.25
CA LYS A 60 -9.34 -8.74 2.00
C LYS A 60 -7.97 -9.35 2.30
N ALA A 61 -7.39 -9.02 3.42
CA ALA A 61 -6.05 -9.59 3.77
C ALA A 61 -6.17 -11.10 3.92
N ARG A 62 -7.21 -11.59 4.54
CA ARG A 62 -7.35 -13.07 4.67
C ARG A 62 -7.55 -13.63 3.27
N ALA A 63 -8.24 -12.89 2.44
CA ALA A 63 -8.47 -13.31 1.02
C ALA A 63 -9.21 -14.65 0.93
N LEU A 64 -9.96 -14.81 -0.12
CA LEU A 64 -10.70 -16.08 -0.36
C LEU A 64 -10.30 -16.58 -1.75
N GLY A 65 -9.21 -16.06 -2.25
CA GLY A 65 -8.73 -16.45 -3.61
C GLY A 65 -8.01 -15.22 -4.20
N VAL A 66 -8.26 -14.07 -3.64
CA VAL A 66 -7.63 -12.81 -4.15
C VAL A 66 -6.24 -12.63 -3.50
N PRO A 67 -5.40 -11.82 -4.11
CA PRO A 67 -4.03 -11.55 -3.62
C PRO A 67 -3.94 -10.34 -2.68
N THR A 68 -3.07 -10.42 -1.69
CA THR A 68 -2.87 -9.30 -0.73
C THR A 68 -1.38 -8.95 -0.70
N LEU A 69 -1.03 -7.69 -0.79
CA LEU A 69 0.43 -7.32 -0.78
C LEU A 69 0.81 -6.61 0.52
N THR A 70 1.86 -7.06 1.15
CA THR A 70 2.30 -6.42 2.43
C THR A 70 2.84 -5.02 2.15
N GLU A 71 2.57 -4.09 3.03
CA GLU A 71 3.07 -2.69 2.84
C GLU A 71 4.60 -2.68 3.01
N GLU A 72 5.15 -3.68 3.65
CA GLU A 72 6.63 -3.73 3.85
C GLU A 72 7.34 -3.44 2.53
N GLU A 73 6.99 -4.14 1.48
CA GLU A 73 7.63 -3.90 0.16
C GLU A 73 7.48 -2.43 -0.24
N LEU A 74 6.32 -1.86 -0.02
CA LEU A 74 6.10 -0.44 -0.36
C LEU A 74 7.13 0.43 0.38
N TYR A 75 7.34 0.16 1.64
CA TYR A 75 8.34 0.97 2.42
C TYR A 75 9.72 0.82 1.80
N ARG A 76 10.00 -0.29 1.18
CA ARG A 76 11.33 -0.48 0.53
C ARG A 76 11.47 0.51 -0.63
N LEU A 77 10.79 0.26 -1.72
CA LEU A 77 10.89 1.18 -2.90
C LEU A 77 10.64 2.63 -2.45
N LEU A 78 9.78 2.84 -1.50
CA LEU A 78 9.50 4.22 -1.02
C LEU A 78 10.74 4.79 -0.34
N GLU A 79 11.12 4.23 0.79
CA GLU A 79 12.32 4.74 1.52
C GLU A 79 13.48 4.91 0.54
N ALA A 80 13.52 4.15 -0.52
CA ALA A 80 14.62 4.29 -1.52
C ALA A 80 14.25 5.42 -2.48
N ARG A 81 13.21 5.24 -3.25
CA ARG A 81 12.79 6.30 -4.23
C ARG A 81 12.86 7.68 -3.57
N THR A 82 12.25 7.82 -2.43
CA THR A 82 12.30 9.13 -1.71
C THR A 82 13.73 9.37 -1.25
N GLY A 83 14.31 8.40 -0.59
CA GLY A 83 15.71 8.54 -0.10
C GLY A 83 15.71 9.29 1.24
N LYS A 84 14.59 9.32 1.90
CA LYS A 84 14.51 10.01 3.22
C LYS A 84 13.54 9.24 4.12
N LYS A 85 13.81 9.19 5.40
CA LYS A 85 12.92 8.45 6.33
C LYS A 85 11.52 9.08 6.34
N ALA A 86 10.54 8.36 5.86
CA ALA A 86 9.15 8.90 5.82
C ALA A 86 8.76 9.39 7.22
N GLU A 87 9.37 8.83 8.24
CA GLU A 87 9.04 9.25 9.64
C GLU A 87 9.53 10.69 9.87
N GLU A 88 10.42 11.18 9.05
CA GLU A 88 10.93 12.58 9.22
C GLU A 88 9.75 13.51 9.57
N LEU A 89 8.57 13.16 9.13
CA LEU A 89 7.37 13.99 9.44
C LEU A 89 6.77 13.52 10.76
N VAL A 90 6.19 12.34 10.77
CA VAL A 90 5.56 11.80 12.01
C VAL A 90 6.65 11.40 13.02
N GLY A 91 6.49 11.77 14.26
CA GLY A 91 7.50 11.41 15.29
C GLY A 91 7.41 12.37 16.48
N SER A 92 7.51 13.66 16.22
CA SER A 92 7.42 14.66 17.31
C SER A 92 8.42 14.31 18.42
N MET A 1 10.75 5.41 -16.98
CA MET A 1 10.65 5.83 -18.41
C MET A 1 9.40 6.70 -18.59
N GLU A 2 9.55 7.82 -19.26
CA GLU A 2 8.38 8.73 -19.49
C GLU A 2 7.78 9.18 -18.14
N LYS A 3 6.91 8.39 -17.58
CA LYS A 3 6.29 8.75 -16.27
C LYS A 3 7.28 8.46 -15.14
N GLY A 4 8.51 8.12 -15.48
CA GLY A 4 9.53 7.83 -14.44
C GLY A 4 9.03 6.72 -13.53
N GLY A 5 9.23 6.89 -12.25
CA GLY A 5 8.77 5.86 -11.26
C GLY A 5 9.49 4.52 -11.54
N GLU A 6 9.32 3.57 -10.65
CA GLU A 6 9.96 2.23 -10.84
C GLU A 6 9.88 1.49 -9.51
N ALA A 7 10.09 2.21 -8.43
CA ALA A 7 10.05 1.60 -7.08
C ALA A 7 8.96 0.51 -7.00
N LEU A 8 7.72 0.92 -6.86
CA LEU A 8 6.61 -0.08 -6.80
C LEU A 8 5.46 0.38 -7.69
N LYS A 9 5.63 1.49 -8.36
CA LYS A 9 4.54 2.02 -9.24
C LYS A 9 4.04 0.92 -10.20
N GLY A 10 3.05 1.22 -11.00
CA GLY A 10 2.52 0.20 -11.96
C GLY A 10 1.67 -0.81 -11.20
N LEU A 11 1.82 -0.89 -9.90
CA LEU A 11 1.01 -1.86 -9.10
C LEU A 11 -0.20 -1.15 -8.51
N THR A 12 -1.17 -1.90 -8.08
CA THR A 12 -2.39 -1.30 -7.49
C THR A 12 -2.51 -1.75 -6.03
N PHE A 13 -2.69 -0.83 -5.12
CA PHE A 13 -2.80 -1.20 -3.69
C PHE A 13 -4.20 -0.82 -3.19
N VAL A 14 -4.90 -1.75 -2.60
CA VAL A 14 -6.28 -1.46 -2.11
C VAL A 14 -6.30 -1.48 -0.58
N ILE A 15 -7.12 -0.64 0.00
CA ILE A 15 -7.22 -0.58 1.48
C ILE A 15 -8.64 -0.94 1.88
N THR A 16 -8.81 -1.88 2.78
CA THR A 16 -10.18 -2.29 3.16
C THR A 16 -10.90 -1.19 3.94
N GLY A 17 -11.71 -0.41 3.27
CA GLY A 17 -12.46 0.68 3.96
C GLY A 17 -11.59 1.23 5.10
N GLU A 18 -10.31 1.33 4.86
CA GLU A 18 -9.35 1.86 5.89
C GLU A 18 -8.94 0.73 6.83
N LEU A 19 -7.69 0.35 6.79
CA LEU A 19 -7.20 -0.72 7.69
C LEU A 19 -7.03 -0.13 9.10
N SER A 20 -6.29 -0.81 9.95
CA SER A 20 -6.05 -0.27 11.32
C SER A 20 -4.86 0.69 11.27
N ARG A 21 -4.30 0.89 10.09
CA ARG A 21 -3.13 1.81 9.93
C ARG A 21 -3.62 3.17 9.40
N PRO A 22 -2.76 4.16 9.35
CA PRO A 22 -3.12 5.51 8.85
C PRO A 22 -3.32 5.53 7.33
N ARG A 23 -4.16 4.64 6.84
CA ARG A 23 -4.42 4.51 5.37
C ARG A 23 -4.56 5.89 4.70
N GLU A 24 -4.72 6.95 5.44
CA GLU A 24 -4.82 8.30 4.81
C GLU A 24 -3.40 8.80 4.51
N GLU A 25 -2.60 8.94 5.52
CA GLU A 25 -1.20 9.42 5.33
C GLU A 25 -0.48 8.55 4.29
N VAL A 26 -0.48 7.26 4.48
CA VAL A 26 0.22 6.37 3.50
C VAL A 26 -0.40 6.56 2.10
N LYS A 27 -1.68 6.75 2.01
CA LYS A 27 -2.30 6.95 0.65
C LYS A 27 -1.73 8.21 0.02
N ALA A 28 -1.36 9.19 0.80
CA ALA A 28 -0.77 10.43 0.24
C ALA A 28 0.59 10.07 -0.37
N LEU A 29 1.27 9.13 0.23
CA LEU A 29 2.59 8.68 -0.31
C LEU A 29 2.37 7.56 -1.33
N LEU A 30 1.26 6.87 -1.22
CA LEU A 30 0.96 5.74 -2.16
C LEU A 30 0.70 6.32 -3.56
N ARG A 31 -0.18 7.28 -3.68
CA ARG A 31 -0.48 7.87 -5.02
C ARG A 31 0.80 8.49 -5.59
N ARG A 32 1.53 9.20 -4.77
CA ARG A 32 2.80 9.83 -5.24
C ARG A 32 3.74 8.73 -5.75
N LEU A 33 3.69 7.58 -5.13
CA LEU A 33 4.57 6.45 -5.54
C LEU A 33 4.18 5.93 -6.93
N GLY A 34 3.34 6.64 -7.62
CA GLY A 34 2.94 6.19 -8.99
C GLY A 34 1.91 5.06 -8.90
N ALA A 35 1.97 4.25 -7.86
CA ALA A 35 1.01 3.12 -7.73
C ALA A 35 -0.41 3.69 -7.57
N LYS A 36 -1.37 3.07 -8.22
CA LYS A 36 -2.78 3.56 -8.11
C LYS A 36 -3.36 3.14 -6.76
N VAL A 37 -4.29 3.89 -6.23
CA VAL A 37 -4.90 3.54 -4.92
C VAL A 37 -6.36 3.12 -5.12
N THR A 38 -6.86 2.27 -4.26
CA THR A 38 -8.28 1.81 -4.37
C THR A 38 -8.74 1.32 -2.99
N ASP A 39 -9.94 0.81 -2.90
CA ASP A 39 -10.43 0.31 -1.58
C ASP A 39 -11.41 -0.86 -1.76
N SER A 40 -11.70 -1.22 -2.99
CA SER A 40 -12.66 -2.35 -3.23
C SER A 40 -12.06 -3.33 -4.23
N VAL A 41 -12.79 -4.37 -4.57
CA VAL A 41 -12.28 -5.37 -5.54
C VAL A 41 -13.43 -5.80 -6.46
N SER A 42 -13.12 -6.18 -7.68
CA SER A 42 -14.18 -6.61 -8.63
C SER A 42 -13.65 -7.74 -9.51
N ARG A 43 -12.41 -7.67 -9.91
CA ARG A 43 -11.81 -8.73 -10.78
C ARG A 43 -10.40 -8.27 -11.17
N LYS A 44 -10.33 -7.19 -11.91
CA LYS A 44 -9.00 -6.65 -12.33
C LYS A 44 -8.34 -5.94 -11.15
N THR A 45 -8.98 -5.94 -10.01
CA THR A 45 -8.40 -5.27 -8.81
C THR A 45 -8.55 -6.20 -7.60
N SER A 46 -7.49 -6.85 -7.20
CA SER A 46 -7.55 -7.77 -6.03
C SER A 46 -6.20 -7.75 -5.32
N TYR A 47 -5.85 -6.65 -4.73
CA TYR A 47 -4.54 -6.54 -4.00
C TYR A 47 -4.70 -5.50 -2.88
N LEU A 48 -4.34 -5.85 -1.68
CA LEU A 48 -4.47 -4.87 -0.56
C LEU A 48 -3.14 -4.78 0.19
N VAL A 49 -2.86 -3.62 0.72
CA VAL A 49 -1.60 -3.45 1.50
C VAL A 49 -1.91 -3.79 2.95
N VAL A 50 -1.33 -4.83 3.49
CA VAL A 50 -1.65 -5.23 4.88
C VAL A 50 -1.58 -4.01 5.81
N GLY A 51 -2.11 -4.15 7.01
CA GLY A 51 -2.09 -3.02 7.97
C GLY A 51 -1.61 -3.51 9.34
N GLU A 52 -2.48 -3.50 10.32
CA GLU A 52 -2.10 -3.94 11.69
C GLU A 52 -2.57 -5.37 11.93
N ASN A 53 -3.32 -5.60 12.98
CA ASN A 53 -3.83 -6.97 13.29
C ASN A 53 -5.36 -6.93 13.35
N PRO A 54 -5.92 -6.22 14.31
CA PRO A 54 -7.40 -6.10 14.44
C PRO A 54 -7.98 -5.17 13.37
N GLY A 55 -7.15 -4.72 12.47
CA GLY A 55 -7.63 -3.80 11.38
C GLY A 55 -8.70 -4.48 10.54
N SER A 56 -9.40 -3.70 9.76
CA SER A 56 -10.48 -4.26 8.91
C SER A 56 -9.85 -5.01 7.73
N LYS A 57 -8.57 -4.85 7.52
CA LYS A 57 -7.90 -5.55 6.38
C LYS A 57 -8.06 -7.06 6.55
N LEU A 58 -8.35 -7.51 7.74
CA LEU A 58 -8.53 -8.97 7.98
C LEU A 58 -9.49 -9.57 6.94
N GLU A 59 -10.30 -8.74 6.33
CA GLU A 59 -11.28 -9.26 5.32
C GLU A 59 -10.54 -9.56 4.02
N LYS A 60 -9.96 -8.58 3.38
CA LYS A 60 -9.24 -8.84 2.11
C LYS A 60 -7.85 -9.39 2.40
N ALA A 61 -7.25 -8.98 3.49
CA ALA A 61 -5.89 -9.49 3.83
C ALA A 61 -5.96 -10.99 4.08
N ARG A 62 -6.98 -11.47 4.76
CA ARG A 62 -7.08 -12.95 4.98
C ARG A 62 -7.41 -13.57 3.63
N ALA A 63 -8.20 -12.85 2.85
CA ALA A 63 -8.58 -13.32 1.48
C ALA A 63 -9.28 -14.68 1.50
N LEU A 64 -10.07 -14.93 0.50
CA LEU A 64 -10.78 -16.23 0.38
C LEU A 64 -10.43 -16.84 -0.98
N GLY A 65 -9.33 -16.43 -1.53
CA GLY A 65 -8.89 -16.93 -2.86
C GLY A 65 -8.18 -15.80 -3.58
N VAL A 66 -8.44 -14.59 -3.16
CA VAL A 66 -7.81 -13.39 -3.79
C VAL A 66 -6.43 -13.16 -3.16
N PRO A 67 -5.53 -12.54 -3.90
CA PRO A 67 -4.15 -12.25 -3.43
C PRO A 67 -4.05 -10.96 -2.61
N THR A 68 -3.17 -10.95 -1.64
CA THR A 68 -2.98 -9.74 -0.77
C THR A 68 -1.49 -9.36 -0.76
N LEU A 69 -1.16 -8.12 -1.02
CA LEU A 69 0.27 -7.71 -1.03
C LEU A 69 0.65 -7.04 0.30
N THR A 70 1.66 -7.52 0.96
CA THR A 70 2.08 -6.92 2.26
C THR A 70 2.48 -5.46 2.06
N GLU A 71 2.18 -4.62 3.01
CA GLU A 71 2.56 -3.17 2.88
C GLU A 71 4.07 -3.06 3.16
N GLU A 72 4.63 -4.03 3.83
CA GLU A 72 6.09 -4.01 4.13
C GLU A 72 6.84 -3.63 2.85
N GLU A 73 6.49 -4.22 1.74
CA GLU A 73 7.17 -3.88 0.46
C GLU A 73 6.93 -2.40 0.13
N LEU A 74 5.72 -1.94 0.36
CA LEU A 74 5.42 -0.50 0.07
C LEU A 74 6.39 0.37 0.87
N TYR A 75 6.57 0.07 2.14
CA TYR A 75 7.51 0.87 2.97
C TYR A 75 8.94 0.70 2.41
N ARG A 76 9.23 -0.46 1.90
CA ARG A 76 10.60 -0.72 1.34
C ARG A 76 10.83 0.22 0.16
N LEU A 77 10.23 -0.06 -0.98
CA LEU A 77 10.43 0.80 -2.18
C LEU A 77 10.17 2.27 -1.81
N LEU A 78 9.25 2.52 -0.93
CA LEU A 78 8.97 3.92 -0.52
C LEU A 78 10.20 4.50 0.18
N GLU A 79 10.57 3.94 1.31
CA GLU A 79 11.76 4.45 2.05
C GLU A 79 12.94 4.59 1.09
N ALA A 80 12.95 3.81 0.03
CA ALA A 80 14.06 3.91 -0.96
C ALA A 80 13.72 5.06 -1.92
N ARG A 81 12.67 4.90 -2.69
CA ARG A 81 12.26 5.96 -3.65
C ARG A 81 12.42 7.33 -2.98
N THR A 82 11.90 7.47 -1.78
CA THR A 82 12.04 8.77 -1.06
C THR A 82 13.52 9.00 -0.75
N GLY A 83 14.15 8.02 -0.15
CA GLY A 83 15.59 8.16 0.19
C GLY A 83 15.73 8.83 1.55
N LYS A 84 14.68 8.84 2.33
CA LYS A 84 14.75 9.47 3.69
C LYS A 84 13.78 8.73 4.61
N LYS A 85 14.02 8.77 5.90
CA LYS A 85 13.13 8.06 6.86
C LYS A 85 11.71 8.65 6.77
N ALA A 86 10.84 8.01 6.03
CA ALA A 86 9.44 8.52 5.89
C ALA A 86 8.79 8.62 7.27
N GLU A 87 9.13 7.73 8.16
CA GLU A 87 8.54 7.78 9.53
C GLU A 87 9.11 8.96 10.30
N GLU A 88 10.34 9.33 10.02
CA GLU A 88 10.97 10.47 10.75
C GLU A 88 10.95 10.19 12.26
N LEU A 89 10.84 8.94 12.63
CA LEU A 89 10.80 8.58 14.08
C LEU A 89 11.70 7.37 14.32
N VAL A 90 11.80 6.49 13.36
CA VAL A 90 12.65 5.27 13.52
C VAL A 90 13.90 5.41 12.66
N GLY A 91 15.06 5.33 13.27
CA GLY A 91 16.32 5.45 12.48
C GLY A 91 17.51 5.63 13.44
N SER A 92 18.71 5.72 12.90
CA SER A 92 19.90 5.88 13.77
C SER A 92 19.97 7.33 14.29
N MET A 1 13.47 2.29 -23.37
CA MET A 1 13.12 0.99 -23.99
C MET A 1 12.06 0.29 -23.14
N GLU A 2 12.45 -0.24 -22.01
CA GLU A 2 11.48 -0.95 -21.13
C GLU A 2 12.03 -1.00 -19.70
N LYS A 3 13.33 -1.03 -19.56
CA LYS A 3 13.94 -1.07 -18.21
C LYS A 3 14.17 0.35 -17.70
N GLY A 4 13.55 1.33 -18.33
CA GLY A 4 13.71 2.75 -17.91
C GLY A 4 13.59 2.88 -16.39
N GLY A 5 12.84 2.00 -15.76
CA GLY A 5 12.69 2.08 -14.28
C GLY A 5 11.34 1.50 -13.86
N GLU A 6 11.09 1.45 -12.58
CA GLU A 6 9.80 0.90 -12.07
C GLU A 6 9.57 1.36 -10.63
N ALA A 7 10.48 1.04 -9.75
CA ALA A 7 10.33 1.43 -8.32
C ALA A 7 9.23 0.56 -7.69
N LEU A 8 8.11 1.14 -7.34
CA LEU A 8 6.99 0.35 -6.75
C LEU A 8 5.69 0.70 -7.50
N LYS A 9 5.83 1.17 -8.71
CA LYS A 9 4.63 1.57 -9.51
C LYS A 9 4.10 0.35 -10.27
N GLY A 10 3.05 0.54 -11.04
CA GLY A 10 2.47 -0.60 -11.80
C GLY A 10 1.62 -1.47 -10.87
N LEU A 11 1.68 -1.19 -9.60
CA LEU A 11 0.88 -1.97 -8.61
C LEU A 11 -0.21 -1.09 -8.01
N THR A 12 -1.32 -1.68 -7.65
CA THR A 12 -2.43 -0.90 -7.06
C THR A 12 -2.51 -1.22 -5.57
N PHE A 13 -2.72 -0.22 -4.76
CA PHE A 13 -2.81 -0.44 -3.28
C PHE A 13 -4.19 0.00 -2.80
N VAL A 14 -4.91 -0.89 -2.15
CA VAL A 14 -6.28 -0.54 -1.68
C VAL A 14 -6.39 -0.64 -0.15
N ILE A 15 -7.24 0.16 0.42
CA ILE A 15 -7.47 0.13 1.90
C ILE A 15 -8.85 -0.49 2.11
N THR A 16 -8.97 -1.57 2.84
CA THR A 16 -10.31 -2.19 3.02
C THR A 16 -11.21 -1.31 3.86
N GLY A 17 -12.13 -0.61 3.23
CA GLY A 17 -13.05 0.28 4.01
C GLY A 17 -12.26 0.94 5.14
N GLU A 18 -10.99 1.16 4.91
CA GLU A 18 -10.09 1.78 5.92
C GLU A 18 -9.59 0.73 6.91
N LEU A 19 -8.30 0.47 6.89
CA LEU A 19 -7.72 -0.52 7.83
C LEU A 19 -7.69 0.10 9.23
N SER A 20 -6.98 -0.48 10.17
CA SER A 20 -6.89 0.13 11.54
C SER A 20 -5.59 0.93 11.63
N ARG A 21 -5.38 1.82 10.71
CA ARG A 21 -4.12 2.64 10.70
C ARG A 21 -4.39 3.99 10.02
N PRO A 22 -3.47 4.93 10.12
CA PRO A 22 -3.63 6.27 9.48
C PRO A 22 -3.59 6.19 7.94
N ARG A 23 -4.20 5.15 7.41
CA ARG A 23 -4.22 4.92 5.93
C ARG A 23 -4.53 6.20 5.14
N GLU A 24 -4.94 7.26 5.80
CA GLU A 24 -5.22 8.52 5.06
C GLU A 24 -3.89 9.24 4.84
N GLU A 25 -3.20 9.52 5.92
CA GLU A 25 -1.88 10.20 5.82
C GLU A 25 -1.01 9.44 4.81
N VAL A 26 -0.90 8.14 4.98
CA VAL A 26 -0.08 7.33 4.04
C VAL A 26 -0.70 7.43 2.64
N LYS A 27 -1.99 7.63 2.54
CA LYS A 27 -2.64 7.74 1.20
C LYS A 27 -2.00 8.90 0.44
N ALA A 28 -1.70 9.97 1.13
CA ALA A 28 -1.07 11.14 0.45
C ALA A 28 0.35 10.76 0.03
N LEU A 29 1.01 9.98 0.85
CA LEU A 29 2.39 9.53 0.51
C LEU A 29 2.32 8.34 -0.46
N LEU A 30 1.23 7.62 -0.43
CA LEU A 30 1.07 6.43 -1.32
C LEU A 30 0.76 6.90 -2.75
N ARG A 31 -0.21 7.77 -2.89
CA ARG A 31 -0.56 8.27 -4.25
C ARG A 31 0.67 8.97 -4.85
N ARG A 32 1.33 9.77 -4.06
CA ARG A 32 2.56 10.47 -4.54
C ARG A 32 3.58 9.40 -4.94
N LEU A 33 3.56 8.28 -4.28
CA LEU A 33 4.52 7.18 -4.57
C LEU A 33 4.32 6.63 -6.00
N GLY A 34 3.55 7.32 -6.83
CA GLY A 34 3.36 6.84 -8.22
C GLY A 34 2.41 5.63 -8.26
N ALA A 35 2.54 4.72 -7.33
CA ALA A 35 1.64 3.52 -7.34
C ALA A 35 0.18 3.96 -7.32
N LYS A 36 -0.67 3.23 -8.01
CA LYS A 36 -2.12 3.60 -8.03
C LYS A 36 -2.74 3.20 -6.70
N VAL A 37 -3.74 3.93 -6.24
CA VAL A 37 -4.37 3.60 -4.94
C VAL A 37 -5.88 3.47 -5.11
N THR A 38 -6.54 2.83 -4.18
CA THR A 38 -8.02 2.67 -4.28
C THR A 38 -8.57 2.33 -2.89
N ASP A 39 -9.81 1.94 -2.81
CA ASP A 39 -10.40 1.58 -1.48
C ASP A 39 -11.50 0.52 -1.65
N SER A 40 -11.89 0.22 -2.86
CA SER A 40 -12.95 -0.80 -3.11
C SER A 40 -12.38 -1.90 -4.01
N VAL A 41 -13.17 -2.90 -4.33
CA VAL A 41 -12.67 -3.99 -5.20
C VAL A 41 -13.81 -4.52 -6.08
N SER A 42 -13.48 -4.97 -7.26
CA SER A 42 -14.52 -5.51 -8.19
C SER A 42 -13.97 -6.75 -8.90
N ARG A 43 -12.76 -6.66 -9.39
CA ARG A 43 -12.13 -7.80 -10.10
C ARG A 43 -10.70 -7.39 -10.48
N LYS A 44 -10.59 -6.43 -11.36
CA LYS A 44 -9.23 -5.94 -11.79
C LYS A 44 -8.48 -5.42 -10.56
N THR A 45 -9.19 -4.91 -9.59
CA THR A 45 -8.54 -4.39 -8.35
C THR A 45 -8.90 -5.31 -7.18
N SER A 46 -7.92 -5.81 -6.48
CA SER A 46 -8.21 -6.72 -5.33
C SER A 46 -6.96 -6.88 -4.46
N TYR A 47 -6.16 -5.86 -4.39
CA TYR A 47 -4.91 -5.92 -3.56
C TYR A 47 -5.08 -5.03 -2.33
N LEU A 48 -4.70 -5.50 -1.18
CA LEU A 48 -4.84 -4.67 0.06
C LEU A 48 -3.46 -4.41 0.65
N VAL A 49 -3.18 -3.18 0.98
CA VAL A 49 -1.88 -2.85 1.61
C VAL A 49 -2.01 -3.12 3.10
N VAL A 50 -1.31 -4.09 3.62
CA VAL A 50 -1.46 -4.42 5.06
C VAL A 50 -1.32 -3.14 5.90
N GLY A 51 -1.71 -3.20 7.15
CA GLY A 51 -1.61 -2.01 8.03
C GLY A 51 -1.29 -2.41 9.46
N GLU A 52 -2.18 -2.12 10.37
CA GLU A 52 -1.96 -2.48 11.80
C GLU A 52 -2.32 -3.95 12.06
N ASN A 53 -3.05 -4.23 13.11
CA ASN A 53 -3.43 -5.64 13.41
C ASN A 53 -4.97 -5.77 13.38
N PRO A 54 -5.69 -5.00 14.17
CA PRO A 54 -7.18 -5.05 14.20
C PRO A 54 -7.79 -4.34 12.99
N GLY A 55 -7.02 -4.16 11.95
CA GLY A 55 -7.53 -3.45 10.74
C GLY A 55 -8.58 -4.31 10.03
N SER A 56 -9.48 -3.68 9.33
CA SER A 56 -10.53 -4.43 8.60
C SER A 56 -9.87 -5.29 7.52
N LYS A 57 -8.59 -5.12 7.34
CA LYS A 57 -7.85 -5.90 6.31
C LYS A 57 -8.15 -7.40 6.48
N LEU A 58 -8.47 -7.82 7.67
CA LEU A 58 -8.77 -9.26 7.91
C LEU A 58 -9.69 -9.80 6.82
N GLU A 59 -10.48 -8.97 6.21
CA GLU A 59 -11.40 -9.46 5.14
C GLU A 59 -10.64 -9.62 3.83
N LYS A 60 -10.12 -8.56 3.28
CA LYS A 60 -9.38 -8.68 1.99
C LYS A 60 -8.01 -9.32 2.26
N ALA A 61 -7.40 -9.02 3.37
CA ALA A 61 -6.08 -9.61 3.69
C ALA A 61 -6.21 -11.13 3.80
N ARG A 62 -7.25 -11.63 4.44
CA ARG A 62 -7.40 -13.10 4.53
C ARG A 62 -7.57 -13.63 3.11
N ALA A 63 -8.28 -12.90 2.29
CA ALA A 63 -8.47 -13.27 0.86
C ALA A 63 -8.62 -14.78 0.67
N LEU A 64 -9.83 -15.26 0.52
CA LEU A 64 -10.03 -16.72 0.29
C LEU A 64 -9.86 -17.01 -1.21
N GLY A 65 -9.01 -16.26 -1.88
CA GLY A 65 -8.80 -16.49 -3.34
C GLY A 65 -8.17 -15.23 -3.94
N VAL A 66 -8.46 -14.09 -3.39
CA VAL A 66 -7.89 -12.82 -3.95
C VAL A 66 -6.47 -12.59 -3.41
N PRO A 67 -5.70 -11.76 -4.08
CA PRO A 67 -4.30 -11.44 -3.67
C PRO A 67 -4.20 -10.21 -2.75
N THR A 68 -3.29 -10.26 -1.81
CA THR A 68 -3.11 -9.09 -0.87
C THR A 68 -1.63 -8.69 -0.89
N LEU A 69 -1.33 -7.41 -0.97
CA LEU A 69 0.11 -7.00 -1.01
C LEU A 69 0.54 -6.41 0.33
N THR A 70 1.57 -6.95 0.92
CA THR A 70 2.07 -6.44 2.22
C THR A 70 2.53 -4.99 2.09
N GLU A 71 2.27 -4.17 3.07
CA GLU A 71 2.71 -2.75 3.01
C GLU A 71 4.21 -2.67 3.32
N GLU A 72 4.75 -3.67 3.97
CA GLU A 72 6.21 -3.68 4.29
C GLU A 72 7.01 -3.43 3.01
N GLU A 73 6.73 -4.18 1.97
CA GLU A 73 7.46 -3.98 0.69
C GLU A 73 7.31 -2.52 0.24
N LEU A 74 6.16 -1.95 0.48
CA LEU A 74 5.93 -0.53 0.09
C LEU A 74 6.91 0.37 0.83
N TYR A 75 7.12 0.11 2.10
CA TYR A 75 8.08 0.95 2.88
C TYR A 75 9.48 0.79 2.33
N ARG A 76 9.79 -0.37 1.81
CA ARG A 76 11.15 -0.61 1.24
C ARG A 76 11.35 0.30 0.02
N LEU A 77 10.75 -0.04 -1.10
CA LEU A 77 10.94 0.79 -2.33
C LEU A 77 10.58 2.25 -2.02
N LEU A 78 9.78 2.49 -1.01
CA LEU A 78 9.42 3.90 -0.66
C LEU A 78 10.67 4.58 -0.08
N GLU A 79 11.07 4.19 1.10
CA GLU A 79 12.27 4.81 1.75
C GLU A 79 13.43 4.87 0.73
N ALA A 80 13.47 3.97 -0.21
CA ALA A 80 14.57 4.01 -1.23
C ALA A 80 14.18 5.03 -2.30
N ARG A 81 13.14 4.75 -3.05
CA ARG A 81 12.70 5.69 -4.12
C ARG A 81 12.72 7.12 -3.57
N THR A 82 12.10 7.34 -2.44
CA THR A 82 12.11 8.69 -1.83
C THR A 82 13.55 9.04 -1.42
N GLY A 83 14.16 8.18 -0.66
CA GLY A 83 15.55 8.43 -0.22
C GLY A 83 15.55 9.23 1.08
N LYS A 84 14.43 9.28 1.77
CA LYS A 84 14.36 10.03 3.04
C LYS A 84 13.46 9.27 4.02
N LYS A 85 13.72 9.38 5.29
CA LYS A 85 12.88 8.64 6.30
C LYS A 85 11.43 9.12 6.20
N ALA A 86 10.61 8.40 5.47
CA ALA A 86 9.18 8.80 5.33
C ALA A 86 8.52 8.83 6.70
N GLU A 87 8.84 7.90 7.55
CA GLU A 87 8.24 7.88 8.92
C GLU A 87 8.63 9.16 9.67
N GLU A 88 9.79 9.69 9.38
CA GLU A 88 10.25 10.94 10.05
C GLU A 88 10.23 10.74 11.58
N LEU A 89 9.18 11.16 12.23
CA LEU A 89 9.08 11.00 13.72
C LEU A 89 9.29 9.54 14.13
N VAL A 90 9.28 8.63 13.18
CA VAL A 90 9.47 7.18 13.50
C VAL A 90 8.31 6.67 14.35
N GLY A 91 7.40 5.95 13.75
CA GLY A 91 6.22 5.42 14.51
C GLY A 91 5.71 4.15 13.82
N SER A 92 5.55 4.19 12.53
CA SER A 92 5.05 2.99 11.79
C SER A 92 3.75 2.49 12.42
N MET A 1 15.98 -3.46 -10.36
CA MET A 1 16.79 -2.23 -10.08
C MET A 1 15.89 -0.99 -10.21
N GLU A 2 15.68 -0.29 -9.13
CA GLU A 2 14.81 0.93 -9.18
C GLU A 2 15.64 2.12 -9.66
N LYS A 3 15.58 2.43 -10.94
CA LYS A 3 16.36 3.57 -11.48
C LYS A 3 15.55 4.87 -11.28
N GLY A 4 14.46 4.80 -10.57
CA GLY A 4 13.63 6.02 -10.34
C GLY A 4 12.67 6.20 -11.52
N GLY A 5 11.43 5.83 -11.35
CA GLY A 5 10.43 5.97 -12.45
C GLY A 5 9.32 4.94 -12.25
N GLU A 6 9.57 3.93 -11.45
CA GLU A 6 8.55 2.89 -11.19
C GLU A 6 8.55 2.57 -9.69
N ALA A 7 9.42 1.67 -9.28
CA ALA A 7 9.50 1.27 -7.85
C ALA A 7 8.49 0.15 -7.61
N LEU A 8 7.27 0.48 -7.29
CA LEU A 8 6.23 -0.57 -7.08
C LEU A 8 5.09 -0.32 -8.08
N LYS A 9 5.19 0.75 -8.83
CA LYS A 9 4.14 1.11 -9.84
C LYS A 9 3.75 -0.11 -10.68
N GLY A 10 2.76 0.04 -11.52
CA GLY A 10 2.32 -1.10 -12.39
C GLY A 10 1.27 -1.91 -11.64
N LEU A 11 1.11 -1.65 -10.37
CA LEU A 11 0.09 -2.41 -9.57
C LEU A 11 -0.84 -1.41 -8.86
N THR A 12 -1.82 -1.92 -8.17
CA THR A 12 -2.78 -1.02 -7.47
C THR A 12 -2.90 -1.48 -6.01
N PHE A 13 -3.16 -0.56 -5.12
CA PHE A 13 -3.31 -0.93 -3.68
C PHE A 13 -4.69 -0.48 -3.19
N VAL A 14 -5.34 -1.29 -2.41
CA VAL A 14 -6.70 -0.93 -1.91
C VAL A 14 -6.79 -1.15 -0.39
N ILE A 15 -7.68 -0.45 0.25
CA ILE A 15 -7.86 -0.61 1.72
C ILE A 15 -9.30 -1.04 2.00
N THR A 16 -9.50 -2.10 2.75
CA THR A 16 -10.88 -2.59 3.03
C THR A 16 -11.65 -1.53 3.84
N GLY A 17 -12.22 -0.56 3.18
CA GLY A 17 -13.00 0.50 3.90
C GLY A 17 -12.10 1.21 4.92
N GLU A 18 -11.74 0.52 5.96
CA GLU A 18 -10.84 1.13 6.99
C GLU A 18 -10.00 0.02 7.60
N LEU A 19 -8.77 -0.11 7.17
CA LEU A 19 -7.89 -1.19 7.71
C LEU A 19 -7.64 -0.96 9.21
N SER A 20 -8.14 0.12 9.77
CA SER A 20 -7.91 0.43 11.21
C SER A 20 -6.58 1.20 11.34
N ARG A 21 -6.31 2.03 10.38
CA ARG A 21 -5.06 2.83 10.38
C ARG A 21 -5.32 4.13 9.58
N PRO A 22 -4.36 5.02 9.52
CA PRO A 22 -4.53 6.29 8.76
C PRO A 22 -4.53 6.05 7.24
N ARG A 23 -5.19 5.00 6.83
CA ARG A 23 -5.25 4.61 5.39
C ARG A 23 -5.46 5.83 4.47
N GLU A 24 -5.87 6.95 5.00
CA GLU A 24 -6.04 8.15 4.14
C GLU A 24 -4.67 8.82 3.96
N GLU A 25 -3.99 9.05 5.05
CA GLU A 25 -2.64 9.70 4.98
C GLU A 25 -1.73 8.85 4.10
N VAL A 26 -1.64 7.56 4.35
CA VAL A 26 -0.76 6.70 3.52
C VAL A 26 -1.32 6.62 2.11
N LYS A 27 -2.62 6.74 1.95
CA LYS A 27 -3.21 6.68 0.59
C LYS A 27 -2.64 7.83 -0.26
N ALA A 28 -2.55 9.00 0.32
CA ALA A 28 -1.98 10.16 -0.43
C ALA A 28 -0.52 9.86 -0.75
N LEU A 29 0.14 9.13 0.09
CA LEU A 29 1.57 8.79 -0.16
C LEU A 29 1.64 7.57 -1.10
N LEU A 30 0.61 6.76 -1.09
CA LEU A 30 0.58 5.55 -1.96
C LEU A 30 0.44 5.99 -3.42
N ARG A 31 -0.54 6.81 -3.71
CA ARG A 31 -0.73 7.28 -5.11
C ARG A 31 0.52 8.03 -5.57
N ARG A 32 1.04 8.87 -4.72
CA ARG A 32 2.28 9.62 -5.07
C ARG A 32 3.34 8.62 -5.53
N LEU A 33 3.34 7.45 -4.96
CA LEU A 33 4.33 6.40 -5.32
C LEU A 33 4.04 5.83 -6.71
N GLY A 34 3.23 6.49 -7.50
CA GLY A 34 2.94 5.99 -8.87
C GLY A 34 1.80 4.97 -8.87
N ALA A 35 1.90 3.95 -8.05
CA ALA A 35 0.83 2.90 -8.01
C ALA A 35 -0.55 3.55 -7.86
N LYS A 36 -1.57 2.94 -8.41
CA LYS A 36 -2.95 3.50 -8.30
C LYS A 36 -3.49 3.21 -6.90
N VAL A 37 -4.45 3.99 -6.45
CA VAL A 37 -5.01 3.76 -5.08
C VAL A 37 -6.52 3.60 -5.16
N THR A 38 -7.09 2.92 -4.19
CA THR A 38 -8.58 2.71 -4.17
C THR A 38 -8.97 2.05 -2.85
N ASP A 39 -10.18 1.58 -2.73
CA ASP A 39 -10.61 0.93 -1.46
C ASP A 39 -11.70 -0.12 -1.73
N SER A 40 -12.03 -0.35 -2.97
CA SER A 40 -13.09 -1.35 -3.31
C SER A 40 -12.50 -2.41 -4.23
N VAL A 41 -13.28 -3.41 -4.58
CA VAL A 41 -12.76 -4.49 -5.48
C VAL A 41 -13.88 -4.93 -6.44
N SER A 42 -13.51 -5.26 -7.65
CA SER A 42 -14.53 -5.71 -8.64
C SER A 42 -13.93 -6.82 -9.51
N ARG A 43 -12.71 -6.65 -9.92
CA ARG A 43 -12.04 -7.68 -10.78
C ARG A 43 -10.63 -7.17 -11.12
N LYS A 44 -10.56 -6.12 -11.89
CA LYS A 44 -9.23 -5.55 -12.26
C LYS A 44 -8.56 -4.96 -11.01
N THR A 45 -9.30 -4.86 -9.93
CA THR A 45 -8.73 -4.30 -8.67
C THR A 45 -8.91 -5.32 -7.54
N SER A 46 -7.85 -6.00 -7.18
CA SER A 46 -7.94 -7.00 -6.08
C SER A 46 -6.60 -7.07 -5.36
N TYR A 47 -6.30 -6.04 -4.62
CA TYR A 47 -5.01 -5.99 -3.86
C TYR A 47 -5.23 -5.19 -2.58
N LEU A 48 -4.87 -5.74 -1.44
CA LEU A 48 -5.06 -4.98 -0.17
C LEU A 48 -3.70 -4.80 0.52
N VAL A 49 -3.47 -3.63 1.05
CA VAL A 49 -2.18 -3.36 1.76
C VAL A 49 -2.28 -3.87 3.20
N VAL A 50 -1.73 -5.03 3.47
CA VAL A 50 -1.82 -5.56 4.87
C VAL A 50 -0.82 -4.82 5.75
N GLY A 51 -1.26 -3.80 6.44
CA GLY A 51 -0.32 -3.03 7.33
C GLY A 51 -0.57 -3.39 8.79
N GLU A 52 -1.77 -3.19 9.27
CA GLU A 52 -2.08 -3.51 10.69
C GLU A 52 -2.28 -5.03 10.85
N ASN A 53 -2.93 -5.43 11.91
CA ASN A 53 -3.20 -6.88 12.16
C ASN A 53 -4.70 -7.11 12.29
N PRO A 54 -5.32 -6.59 13.33
CA PRO A 54 -6.80 -6.73 13.54
C PRO A 54 -7.58 -5.82 12.59
N GLY A 55 -6.91 -5.30 11.59
CA GLY A 55 -7.58 -4.38 10.61
C GLY A 55 -8.80 -5.06 10.00
N SER A 56 -9.76 -4.28 9.57
CA SER A 56 -10.98 -4.86 8.92
C SER A 56 -10.56 -5.62 7.66
N LYS A 57 -9.34 -5.43 7.24
CA LYS A 57 -8.83 -6.12 6.03
C LYS A 57 -8.97 -7.64 6.20
N LEU A 58 -9.14 -8.10 7.41
CA LEU A 58 -9.27 -9.57 7.65
C LEU A 58 -10.21 -10.20 6.62
N GLU A 59 -11.06 -9.42 6.01
CA GLU A 59 -11.99 -9.96 4.98
C GLU A 59 -11.24 -10.09 3.65
N LYS A 60 -10.73 -9.01 3.12
CA LYS A 60 -10.00 -9.10 1.82
C LYS A 60 -8.60 -9.67 2.07
N ALA A 61 -8.01 -9.35 3.20
CA ALA A 61 -6.65 -9.87 3.50
C ALA A 61 -6.70 -11.40 3.62
N ARG A 62 -7.73 -11.94 4.23
CA ARG A 62 -7.84 -13.42 4.33
C ARG A 62 -8.05 -13.94 2.91
N ALA A 63 -8.76 -13.19 2.12
CA ALA A 63 -9.00 -13.57 0.69
C ALA A 63 -9.76 -14.89 0.56
N LEU A 64 -10.55 -14.98 -0.47
CA LEU A 64 -11.32 -16.23 -0.75
C LEU A 64 -11.00 -16.65 -2.19
N GLY A 65 -10.04 -15.99 -2.79
CA GLY A 65 -9.64 -16.29 -4.18
C GLY A 65 -8.84 -15.09 -4.70
N VAL A 66 -9.13 -13.92 -4.19
CA VAL A 66 -8.41 -12.69 -4.63
C VAL A 66 -7.07 -12.57 -3.88
N PRO A 67 -6.06 -12.04 -4.52
CA PRO A 67 -4.71 -11.88 -3.89
C PRO A 67 -4.63 -10.66 -2.96
N THR A 68 -3.73 -10.71 -2.01
CA THR A 68 -3.55 -9.57 -1.05
C THR A 68 -2.08 -9.16 -1.06
N LEU A 69 -1.78 -7.89 -1.19
CA LEU A 69 -0.35 -7.46 -1.22
C LEU A 69 0.05 -6.89 0.14
N THR A 70 1.05 -7.46 0.76
CA THR A 70 1.50 -6.96 2.09
C THR A 70 1.85 -5.47 2.00
N GLU A 71 1.43 -4.69 2.96
CA GLU A 71 1.77 -3.24 2.94
C GLU A 71 3.27 -3.10 3.16
N GLU A 72 3.87 -4.09 3.77
CA GLU A 72 5.34 -4.05 4.02
C GLU A 72 6.08 -3.79 2.71
N GLU A 73 5.79 -4.57 1.69
CA GLU A 73 6.48 -4.37 0.38
C GLU A 73 6.20 -2.95 -0.12
N LEU A 74 4.99 -2.49 0.05
CA LEU A 74 4.64 -1.11 -0.41
C LEU A 74 5.48 -0.10 0.37
N TYR A 75 5.57 -0.25 1.66
CA TYR A 75 6.37 0.70 2.48
C TYR A 75 7.86 0.52 2.15
N ARG A 76 8.24 -0.67 1.75
CA ARG A 76 9.67 -0.91 1.41
C ARG A 76 10.07 -0.01 0.25
N LEU A 77 9.65 -0.34 -0.96
CA LEU A 77 10.01 0.49 -2.14
C LEU A 77 9.73 1.97 -1.86
N LEU A 78 8.80 2.26 -0.98
CA LEU A 78 8.53 3.69 -0.66
C LEU A 78 9.82 4.36 -0.20
N GLU A 79 10.26 4.06 1.00
CA GLU A 79 11.53 4.65 1.51
C GLU A 79 12.66 4.30 0.54
N ALA A 80 12.77 3.03 0.20
CA ALA A 80 13.84 2.57 -0.75
C ALA A 80 13.76 3.35 -2.07
N ARG A 81 12.71 4.09 -2.30
CA ARG A 81 12.59 4.88 -3.56
C ARG A 81 12.63 6.37 -3.20
N THR A 82 12.04 6.75 -2.11
CA THR A 82 12.06 8.18 -1.69
C THR A 82 13.50 8.55 -1.29
N GLY A 83 14.13 7.68 -0.54
CA GLY A 83 15.53 7.96 -0.10
C GLY A 83 15.48 8.73 1.22
N LYS A 84 14.34 8.76 1.85
CA LYS A 84 14.20 9.50 3.14
C LYS A 84 13.03 8.89 3.93
N LYS A 85 12.98 9.10 5.22
CA LYS A 85 11.86 8.51 6.02
C LYS A 85 10.53 9.09 5.55
N ALA A 86 9.53 8.26 5.46
CA ALA A 86 8.18 8.73 5.02
C ALA A 86 7.73 9.88 5.91
N GLU A 87 8.33 10.02 7.07
CA GLU A 87 7.93 11.14 7.97
C GLU A 87 8.61 12.43 7.50
N GLU A 88 9.90 12.38 7.25
CA GLU A 88 10.66 13.60 6.78
C GLU A 88 12.14 13.50 7.19
N LEU A 89 12.53 14.19 8.23
CA LEU A 89 13.96 14.18 8.68
C LEU A 89 14.52 12.75 8.72
N VAL A 90 14.51 12.11 9.87
CA VAL A 90 15.03 10.71 9.98
C VAL A 90 15.12 10.33 11.46
N GLY A 91 14.90 9.07 11.77
CA GLY A 91 14.97 8.63 13.19
C GLY A 91 16.44 8.58 13.63
N SER A 92 17.29 8.02 12.80
CA SER A 92 18.74 7.94 13.17
C SER A 92 19.58 7.94 11.89
N MET A 1 16.25 2.35 -12.82
CA MET A 1 17.72 2.55 -13.00
C MET A 1 17.99 3.98 -13.45
N GLU A 2 16.96 4.71 -13.81
CA GLU A 2 17.15 6.12 -14.26
C GLU A 2 15.86 6.91 -14.02
N LYS A 3 15.45 7.71 -14.98
CA LYS A 3 14.20 8.52 -14.81
C LYS A 3 12.97 7.62 -14.98
N GLY A 4 13.17 6.32 -15.04
CA GLY A 4 12.02 5.38 -15.18
C GLY A 4 11.77 4.66 -13.86
N GLY A 5 12.10 5.31 -12.76
CA GLY A 5 11.91 4.68 -11.41
C GLY A 5 10.81 3.63 -11.43
N GLU A 6 11.17 2.38 -11.23
CA GLU A 6 10.16 1.29 -11.24
C GLU A 6 10.01 0.72 -9.83
N ALA A 7 10.13 1.56 -8.83
CA ALA A 7 10.00 1.09 -7.41
C ALA A 7 8.89 0.03 -7.30
N LEU A 8 7.66 0.44 -7.18
CA LEU A 8 6.54 -0.54 -7.08
C LEU A 8 5.43 -0.13 -8.05
N LYS A 9 5.62 0.96 -8.75
CA LYS A 9 4.59 1.47 -9.71
C LYS A 9 4.11 0.33 -10.62
N GLY A 10 3.11 0.59 -11.43
CA GLY A 10 2.59 -0.48 -12.34
C GLY A 10 1.63 -1.40 -11.57
N LEU A 11 1.67 -1.34 -10.26
CA LEU A 11 0.76 -2.20 -9.45
C LEU A 11 -0.35 -1.37 -8.83
N THR A 12 -1.42 -2.00 -8.43
CA THR A 12 -2.56 -1.26 -7.81
C THR A 12 -2.70 -1.71 -6.36
N PHE A 13 -2.91 -0.78 -5.47
CA PHE A 13 -3.06 -1.15 -4.03
C PHE A 13 -4.36 -0.56 -3.51
N VAL A 14 -5.08 -1.30 -2.70
CA VAL A 14 -6.38 -0.79 -2.17
C VAL A 14 -6.46 -1.02 -0.66
N ILE A 15 -7.38 -0.38 -0.02
CA ILE A 15 -7.53 -0.50 1.46
C ILE A 15 -9.00 -0.84 1.78
N THR A 16 -9.26 -1.70 2.74
CA THR A 16 -10.67 -2.06 3.06
C THR A 16 -11.49 -0.81 3.41
N GLY A 17 -10.87 0.34 3.40
CA GLY A 17 -11.60 1.59 3.73
C GLY A 17 -11.60 1.76 5.25
N GLU A 18 -10.56 1.26 5.87
CA GLU A 18 -10.40 1.35 7.36
C GLU A 18 -9.63 0.10 7.84
N LEU A 19 -8.37 0.02 7.51
CA LEU A 19 -7.57 -1.16 7.94
C LEU A 19 -7.19 -0.99 9.41
N SER A 20 -7.59 0.11 10.02
CA SER A 20 -7.23 0.39 11.46
C SER A 20 -5.85 1.06 11.50
N ARG A 21 -5.48 1.69 10.42
CA ARG A 21 -4.16 2.38 10.34
C ARG A 21 -4.36 3.72 9.60
N PRO A 22 -3.37 4.58 9.57
CA PRO A 22 -3.47 5.90 8.88
C PRO A 22 -3.58 5.74 7.35
N ARG A 23 -4.32 4.76 6.92
CA ARG A 23 -4.49 4.47 5.45
C ARG A 23 -4.69 5.76 4.64
N GLU A 24 -4.98 6.87 5.27
CA GLU A 24 -5.14 8.14 4.51
C GLU A 24 -3.74 8.71 4.23
N GLU A 25 -2.98 8.88 5.27
CA GLU A 25 -1.59 9.42 5.12
C GLU A 25 -0.81 8.57 4.11
N VAL A 26 -0.78 7.28 4.32
CA VAL A 26 -0.05 6.39 3.39
C VAL A 26 -0.67 6.49 1.99
N LYS A 27 -1.96 6.70 1.91
CA LYS A 27 -2.62 6.82 0.57
C LYS A 27 -2.07 8.05 -0.15
N ALA A 28 -1.77 9.09 0.57
CA ALA A 28 -1.21 10.31 -0.07
C ALA A 28 0.18 9.97 -0.62
N LEU A 29 0.85 9.05 0.03
CA LEU A 29 2.21 8.64 -0.45
C LEU A 29 2.05 7.48 -1.44
N LEU A 30 0.96 6.75 -1.35
CA LEU A 30 0.73 5.60 -2.27
C LEU A 30 0.52 6.11 -3.70
N ARG A 31 -0.39 7.05 -3.89
CA ARG A 31 -0.63 7.59 -5.25
C ARG A 31 0.64 8.25 -5.77
N ARG A 32 1.30 9.01 -4.94
CA ARG A 32 2.56 9.68 -5.36
C ARG A 32 3.55 8.62 -5.85
N LEU A 33 3.52 7.46 -5.23
CA LEU A 33 4.47 6.37 -5.63
C LEU A 33 4.07 5.78 -6.98
N GLY A 34 3.24 6.46 -7.74
CA GLY A 34 2.86 5.95 -9.08
C GLY A 34 1.81 4.83 -8.97
N ALA A 35 1.83 4.08 -7.89
CA ALA A 35 0.85 2.96 -7.76
C ALA A 35 -0.57 3.53 -7.64
N LYS A 36 -1.54 2.85 -8.20
CA LYS A 36 -2.95 3.34 -8.13
C LYS A 36 -3.51 3.10 -6.73
N VAL A 37 -4.43 3.93 -6.29
CA VAL A 37 -5.01 3.77 -4.93
C VAL A 37 -6.51 3.48 -5.07
N THR A 38 -7.03 2.56 -4.30
CA THR A 38 -8.49 2.24 -4.38
C THR A 38 -8.95 1.72 -3.01
N ASP A 39 -10.14 1.21 -2.92
CA ASP A 39 -10.64 0.69 -1.62
C ASP A 39 -11.64 -0.46 -1.83
N SER A 40 -11.92 -0.81 -3.06
CA SER A 40 -12.89 -1.92 -3.33
C SER A 40 -12.32 -2.85 -4.39
N VAL A 41 -13.06 -3.89 -4.74
CA VAL A 41 -12.57 -4.84 -5.77
C VAL A 41 -13.77 -5.37 -6.58
N SER A 42 -13.52 -5.84 -7.77
CA SER A 42 -14.64 -6.38 -8.61
C SER A 42 -14.12 -7.54 -9.45
N ARG A 43 -12.90 -7.43 -9.95
CA ARG A 43 -12.32 -8.52 -10.78
C ARG A 43 -10.89 -8.11 -11.16
N LYS A 44 -10.77 -7.18 -12.07
CA LYS A 44 -9.42 -6.72 -12.49
C LYS A 44 -8.68 -6.13 -11.27
N THR A 45 -9.41 -5.59 -10.33
CA THR A 45 -8.78 -5.00 -9.12
C THR A 45 -8.93 -5.97 -7.95
N SER A 46 -7.84 -6.54 -7.50
CA SER A 46 -7.90 -7.50 -6.36
C SER A 46 -6.57 -7.47 -5.61
N TYR A 47 -6.25 -6.36 -5.02
CA TYR A 47 -4.96 -6.24 -4.27
C TYR A 47 -5.14 -5.22 -3.15
N LEU A 48 -4.82 -5.59 -1.94
CA LEU A 48 -4.98 -4.64 -0.81
C LEU A 48 -3.63 -4.49 -0.10
N VAL A 49 -3.33 -3.30 0.34
CA VAL A 49 -2.06 -3.07 1.08
C VAL A 49 -2.35 -3.30 2.55
N VAL A 50 -1.73 -4.29 3.14
CA VAL A 50 -2.02 -4.60 4.58
C VAL A 50 -1.94 -3.34 5.43
N GLY A 51 -2.42 -3.41 6.63
CA GLY A 51 -2.39 -2.22 7.54
C GLY A 51 -1.83 -2.62 8.91
N GLU A 52 -2.48 -3.53 9.59
CA GLU A 52 -2.00 -3.93 10.95
C GLU A 52 -2.32 -5.41 11.21
N ASN A 53 -2.91 -5.70 12.35
CA ASN A 53 -3.27 -7.11 12.68
C ASN A 53 -4.78 -7.21 12.97
N PRO A 54 -5.28 -6.53 13.98
CA PRO A 54 -6.73 -6.55 14.31
C PRO A 54 -7.54 -5.66 13.37
N GLY A 55 -6.91 -5.17 12.33
CA GLY A 55 -7.62 -4.28 11.36
C GLY A 55 -8.71 -5.04 10.62
N SER A 56 -9.53 -4.33 9.90
CA SER A 56 -10.64 -4.98 9.13
C SER A 56 -10.07 -5.56 7.83
N LYS A 57 -8.82 -5.30 7.55
CA LYS A 57 -8.20 -5.84 6.31
C LYS A 57 -8.31 -7.37 6.31
N LEU A 58 -8.53 -7.95 7.46
CA LEU A 58 -8.65 -9.44 7.56
C LEU A 58 -9.65 -9.94 6.52
N GLU A 59 -10.51 -9.10 6.03
CA GLU A 59 -11.50 -9.55 5.01
C GLU A 59 -10.79 -9.78 3.67
N LYS A 60 -10.23 -8.77 3.08
CA LYS A 60 -9.52 -8.97 1.79
C LYS A 60 -8.12 -9.51 2.03
N ALA A 61 -7.49 -9.10 3.11
CA ALA A 61 -6.11 -9.60 3.41
C ALA A 61 -6.16 -11.12 3.62
N ARG A 62 -7.20 -11.61 4.25
CA ARG A 62 -7.29 -13.09 4.46
C ARG A 62 -7.60 -13.71 3.10
N ALA A 63 -8.43 -13.06 2.32
CA ALA A 63 -8.78 -13.53 0.94
C ALA A 63 -8.91 -15.05 0.85
N LEU A 64 -10.12 -15.55 0.74
CA LEU A 64 -10.31 -17.02 0.61
C LEU A 64 -10.17 -17.42 -0.86
N GLY A 65 -9.34 -16.73 -1.60
CA GLY A 65 -9.14 -17.07 -3.04
C GLY A 65 -8.52 -15.87 -3.75
N VAL A 66 -8.84 -14.68 -3.32
CA VAL A 66 -8.28 -13.46 -3.98
C VAL A 66 -6.83 -13.21 -3.51
N PRO A 67 -6.09 -12.41 -4.24
CA PRO A 67 -4.68 -12.06 -3.92
C PRO A 67 -4.56 -10.80 -3.05
N THR A 68 -3.69 -10.81 -2.08
CA THR A 68 -3.50 -9.63 -1.18
C THR A 68 -2.01 -9.26 -1.14
N LEU A 69 -1.68 -8.00 -1.25
CA LEU A 69 -0.24 -7.61 -1.23
C LEU A 69 0.10 -6.93 0.11
N THR A 70 1.11 -7.43 0.77
CA THR A 70 1.53 -6.83 2.07
C THR A 70 1.96 -5.37 1.86
N GLU A 71 1.64 -4.50 2.79
CA GLU A 71 2.06 -3.08 2.66
C GLU A 71 3.56 -2.98 2.92
N GLU A 72 4.12 -3.97 3.58
CA GLU A 72 5.58 -3.95 3.89
C GLU A 72 6.36 -3.53 2.64
N GLU A 73 6.01 -4.08 1.50
CA GLU A 73 6.71 -3.71 0.24
C GLU A 73 6.52 -2.20 -0.01
N LEU A 74 5.36 -1.69 0.27
CA LEU A 74 5.10 -0.23 0.08
C LEU A 74 6.13 0.55 0.91
N TYR A 75 6.34 0.14 2.13
CA TYR A 75 7.33 0.84 3.00
C TYR A 75 8.73 0.68 2.41
N ARG A 76 9.01 -0.47 1.83
CA ARG A 76 10.37 -0.70 1.24
C ARG A 76 10.62 0.30 0.12
N LEU A 77 10.01 0.09 -1.03
CA LEU A 77 10.22 1.01 -2.17
C LEU A 77 10.03 2.47 -1.73
N LEU A 78 9.12 2.71 -0.80
CA LEU A 78 8.91 4.11 -0.33
C LEU A 78 10.19 4.62 0.33
N GLU A 79 10.59 4.01 1.43
CA GLU A 79 11.84 4.46 2.14
C GLU A 79 13.00 4.55 1.14
N ALA A 80 13.06 3.69 0.16
CA ALA A 80 14.17 3.74 -0.83
C ALA A 80 13.85 4.82 -1.87
N ARG A 81 12.83 4.60 -2.67
CA ARG A 81 12.45 5.60 -3.71
C ARG A 81 12.54 7.00 -3.12
N THR A 82 11.97 7.21 -1.96
CA THR A 82 12.05 8.55 -1.32
C THR A 82 13.51 8.82 -0.97
N GLY A 83 14.14 7.90 -0.31
CA GLY A 83 15.57 8.06 0.08
C GLY A 83 15.66 8.78 1.42
N LYS A 84 14.57 8.82 2.16
CA LYS A 84 14.58 9.49 3.49
C LYS A 84 13.59 8.78 4.41
N LYS A 85 13.80 8.84 5.70
CA LYS A 85 12.86 8.17 6.64
C LYS A 85 11.47 8.79 6.52
N ALA A 86 10.58 8.14 5.79
CA ALA A 86 9.20 8.68 5.62
C ALA A 86 8.60 9.03 6.98
N GLU A 87 9.03 8.34 8.02
CA GLU A 87 8.49 8.61 9.38
C GLU A 87 9.02 9.96 9.87
N GLU A 88 10.24 10.31 9.52
CA GLU A 88 10.82 11.61 9.96
C GLU A 88 10.78 11.72 11.48
N LEU A 89 9.78 12.38 12.02
CA LEU A 89 9.67 12.53 13.50
C LEU A 89 9.62 11.15 14.16
N VAL A 90 8.60 10.39 13.90
CA VAL A 90 8.49 9.03 14.53
C VAL A 90 9.39 8.04 13.78
N GLY A 91 10.57 8.46 13.39
CA GLY A 91 11.50 7.55 12.67
C GLY A 91 12.40 6.84 13.68
N SER A 92 12.68 5.58 13.46
CA SER A 92 13.56 4.83 14.40
C SER A 92 14.33 3.75 13.62
N MET A 1 7.65 -10.13 -17.07
CA MET A 1 8.79 -10.14 -16.10
C MET A 1 8.84 -8.79 -15.38
N GLU A 2 9.40 -7.78 -16.00
CA GLU A 2 9.50 -6.43 -15.35
C GLU A 2 10.25 -6.55 -14.02
N LYS A 3 11.54 -6.30 -14.04
CA LYS A 3 12.33 -6.38 -12.77
C LYS A 3 12.21 -5.06 -12.00
N GLY A 4 11.39 -4.17 -12.47
CA GLY A 4 11.22 -2.86 -11.76
C GLY A 4 10.55 -1.84 -12.71
N GLY A 5 9.48 -1.25 -12.29
CA GLY A 5 8.79 -0.24 -13.15
C GLY A 5 9.09 1.17 -12.64
N GLU A 6 8.74 1.45 -11.41
CA GLU A 6 9.02 2.81 -10.84
C GLU A 6 8.98 2.68 -9.32
N ALA A 7 9.83 1.83 -8.80
CA ALA A 7 9.87 1.57 -7.34
C ALA A 7 8.72 0.63 -7.02
N LEU A 8 7.53 1.14 -6.88
CA LEU A 8 6.36 0.26 -6.60
C LEU A 8 5.19 0.76 -7.46
N LYS A 9 5.49 1.33 -8.61
CA LYS A 9 4.41 1.84 -9.49
C LYS A 9 3.89 0.70 -10.37
N GLY A 10 2.90 0.96 -11.19
CA GLY A 10 2.35 -0.12 -12.07
C GLY A 10 1.47 -1.06 -11.25
N LEU A 11 1.49 -0.92 -9.94
CA LEU A 11 0.67 -1.81 -9.07
C LEU A 11 -0.48 -1.01 -8.46
N THR A 12 -1.55 -1.68 -8.12
CA THR A 12 -2.71 -0.99 -7.50
C THR A 12 -2.75 -1.33 -6.02
N PHE A 13 -2.83 -0.32 -5.18
CA PHE A 13 -2.88 -0.56 -3.71
C PHE A 13 -4.28 -0.18 -3.20
N VAL A 14 -4.95 -1.10 -2.55
CA VAL A 14 -6.34 -0.79 -2.07
C VAL A 14 -6.38 -0.82 -0.53
N ILE A 15 -7.18 0.02 0.04
CA ILE A 15 -7.31 0.07 1.53
C ILE A 15 -8.74 -0.33 1.89
N THR A 16 -8.92 -1.36 2.69
CA THR A 16 -10.32 -1.77 3.03
C THR A 16 -10.99 -0.64 3.80
N GLY A 17 -11.62 0.27 3.09
CA GLY A 17 -12.27 1.43 3.78
C GLY A 17 -11.16 2.25 4.44
N GLU A 18 -10.62 1.73 5.50
CA GLU A 18 -9.52 2.40 6.21
C GLU A 18 -8.81 1.36 7.08
N LEU A 19 -7.67 0.88 6.64
CA LEU A 19 -6.94 -0.15 7.43
C LEU A 19 -6.63 0.41 8.83
N SER A 20 -5.98 -0.35 9.66
CA SER A 20 -5.65 0.14 11.05
C SER A 20 -4.60 1.26 10.98
N ARG A 21 -4.05 1.51 9.82
CA ARG A 21 -3.03 2.60 9.70
C ARG A 21 -3.68 3.86 9.10
N PRO A 22 -2.99 4.96 9.09
CA PRO A 22 -3.52 6.25 8.55
C PRO A 22 -3.61 6.21 7.02
N ARG A 23 -4.43 5.31 6.52
CA ARG A 23 -4.60 5.14 5.04
C ARG A 23 -4.67 6.49 4.31
N GLU A 24 -4.95 7.56 5.00
CA GLU A 24 -5.00 8.89 4.32
C GLU A 24 -3.55 9.41 4.19
N GLU A 25 -2.87 9.48 5.28
CA GLU A 25 -1.45 9.97 5.27
C GLU A 25 -0.60 9.11 4.34
N VAL A 26 -0.61 7.81 4.55
CA VAL A 26 0.22 6.91 3.68
C VAL A 26 -0.22 7.03 2.22
N LYS A 27 -1.49 7.20 1.96
CA LYS A 27 -1.95 7.30 0.54
C LYS A 27 -1.36 8.55 -0.11
N ALA A 28 -1.15 9.59 0.65
CA ALA A 28 -0.57 10.84 0.07
C ALA A 28 0.90 10.57 -0.29
N LEU A 29 1.55 9.75 0.49
CA LEU A 29 2.98 9.42 0.21
C LEU A 29 3.05 8.20 -0.72
N LEU A 30 2.00 7.40 -0.73
CA LEU A 30 1.97 6.20 -1.61
C LEU A 30 1.63 6.61 -3.03
N ARG A 31 0.60 7.41 -3.21
CA ARG A 31 0.23 7.86 -4.58
C ARG A 31 1.39 8.66 -5.16
N ARG A 32 1.94 9.54 -4.36
CA ARG A 32 3.10 10.35 -4.83
C ARG A 32 4.13 9.39 -5.44
N LEU A 33 4.12 8.17 -4.96
CA LEU A 33 5.07 7.13 -5.45
C LEU A 33 4.40 6.29 -6.55
N GLY A 34 3.50 6.88 -7.30
CA GLY A 34 2.81 6.11 -8.36
C GLY A 34 1.78 5.19 -7.70
N ALA A 35 1.96 3.89 -7.82
CA ALA A 35 1.02 2.91 -7.21
C ALA A 35 -0.42 3.45 -7.17
N LYS A 36 -1.22 3.08 -8.15
CA LYS A 36 -2.64 3.55 -8.18
C LYS A 36 -3.27 3.27 -6.82
N VAL A 37 -4.16 4.11 -6.36
CA VAL A 37 -4.78 3.86 -5.02
C VAL A 37 -6.29 3.62 -5.17
N THR A 38 -6.84 2.80 -4.31
CA THR A 38 -8.32 2.52 -4.37
C THR A 38 -8.77 2.00 -2.99
N ASP A 39 -10.02 1.63 -2.87
CA ASP A 39 -10.52 1.11 -1.55
C ASP A 39 -11.63 0.08 -1.77
N SER A 40 -11.92 -0.26 -2.99
CA SER A 40 -12.99 -1.26 -3.26
C SER A 40 -12.48 -2.32 -4.24
N VAL A 41 -13.22 -3.39 -4.42
CA VAL A 41 -12.77 -4.45 -5.37
C VAL A 41 -13.96 -4.92 -6.22
N SER A 42 -13.70 -5.29 -7.44
CA SER A 42 -14.81 -5.76 -8.33
C SER A 42 -14.28 -6.85 -9.27
N ARG A 43 -13.09 -6.68 -9.77
CA ARG A 43 -12.50 -7.70 -10.69
C ARG A 43 -11.09 -7.25 -11.07
N LYS A 44 -10.99 -6.20 -11.83
CA LYS A 44 -9.65 -5.68 -12.24
C LYS A 44 -8.95 -5.03 -11.04
N THR A 45 -9.59 -5.01 -9.91
CA THR A 45 -8.96 -4.39 -8.69
C THR A 45 -9.02 -5.38 -7.52
N SER A 46 -7.91 -5.99 -7.20
CA SER A 46 -7.89 -6.97 -6.06
C SER A 46 -6.50 -6.97 -5.43
N TYR A 47 -6.11 -5.88 -4.84
CA TYR A 47 -4.77 -5.79 -4.18
C TYR A 47 -4.88 -4.85 -2.99
N LEU A 48 -4.57 -5.32 -1.81
CA LEU A 48 -4.67 -4.44 -0.62
C LEU A 48 -3.29 -4.24 0.00
N VAL A 49 -2.96 -3.01 0.29
CA VAL A 49 -1.65 -2.73 0.92
C VAL A 49 -1.85 -2.85 2.43
N VAL A 50 -1.14 -3.73 3.07
CA VAL A 50 -1.34 -3.92 4.54
C VAL A 50 -1.22 -2.57 5.26
N GLY A 51 -1.67 -2.52 6.48
CA GLY A 51 -1.60 -1.25 7.26
C GLY A 51 -1.01 -1.52 8.64
N GLU A 52 -1.68 -2.33 9.41
CA GLU A 52 -1.16 -2.64 10.79
C GLU A 52 -1.48 -4.10 11.13
N ASN A 53 -2.16 -4.36 12.23
CA ASN A 53 -2.49 -5.76 12.60
C ASN A 53 -4.00 -5.92 12.76
N PRO A 54 -4.61 -5.22 13.68
CA PRO A 54 -6.07 -5.31 13.93
C PRO A 54 -6.86 -4.42 12.96
N GLY A 55 -6.29 -4.12 11.83
CA GLY A 55 -7.00 -3.26 10.83
C GLY A 55 -8.11 -4.04 10.15
N SER A 56 -8.98 -3.35 9.46
CA SER A 56 -10.09 -4.04 8.74
C SER A 56 -9.52 -4.84 7.56
N LYS A 57 -8.24 -4.71 7.33
CA LYS A 57 -7.60 -5.45 6.20
C LYS A 57 -7.84 -6.95 6.37
N LEU A 58 -8.13 -7.39 7.57
CA LEU A 58 -8.38 -8.85 7.81
C LEU A 58 -9.30 -9.43 6.73
N GLU A 59 -10.11 -8.61 6.11
CA GLU A 59 -11.03 -9.15 5.05
C GLU A 59 -10.29 -9.32 3.73
N LYS A 60 -9.82 -8.24 3.14
CA LYS A 60 -9.10 -8.39 1.85
C LYS A 60 -7.71 -8.96 2.10
N ALA A 61 -7.09 -8.61 3.20
CA ALA A 61 -5.74 -9.14 3.50
C ALA A 61 -5.81 -10.65 3.72
N ARG A 62 -6.82 -11.13 4.41
CA ARG A 62 -6.95 -12.61 4.59
C ARG A 62 -7.04 -13.20 3.19
N ALA A 63 -7.74 -12.52 2.32
CA ALA A 63 -7.86 -12.98 0.90
C ALA A 63 -8.09 -14.48 0.79
N LEU A 64 -9.32 -14.91 0.68
CA LEU A 64 -9.60 -16.36 0.54
C LEU A 64 -9.38 -16.77 -0.92
N GLY A 65 -8.56 -16.06 -1.63
CA GLY A 65 -8.30 -16.40 -3.06
C GLY A 65 -7.74 -15.18 -3.77
N VAL A 66 -8.18 -14.01 -3.36
CA VAL A 66 -7.68 -12.76 -3.99
C VAL A 66 -6.24 -12.47 -3.52
N PRO A 67 -5.51 -11.68 -4.27
CA PRO A 67 -4.10 -11.31 -3.93
C PRO A 67 -3.99 -10.07 -3.04
N THR A 68 -3.10 -10.10 -2.08
CA THR A 68 -2.90 -8.94 -1.15
C THR A 68 -1.41 -8.57 -1.15
N LEU A 69 -1.07 -7.31 -1.33
CA LEU A 69 0.37 -6.93 -1.34
C LEU A 69 0.76 -6.41 0.04
N THR A 70 1.72 -7.04 0.67
CA THR A 70 2.16 -6.58 2.03
C THR A 70 2.71 -5.17 1.95
N GLU A 71 2.41 -4.36 2.94
CA GLU A 71 2.93 -2.95 2.95
C GLU A 71 4.45 -2.98 3.13
N GLU A 72 4.98 -4.06 3.65
CA GLU A 72 6.45 -4.17 3.85
C GLU A 72 7.18 -3.65 2.60
N GLU A 73 6.82 -4.14 1.45
CA GLU A 73 7.48 -3.69 0.19
C GLU A 73 7.24 -2.19 -0.01
N LEU A 74 6.12 -1.69 0.43
CA LEU A 74 5.83 -0.24 0.27
C LEU A 74 6.90 0.57 1.00
N TYR A 75 7.14 0.27 2.25
CA TYR A 75 8.17 1.00 3.03
C TYR A 75 9.53 0.86 2.34
N ARG A 76 9.80 -0.26 1.75
CA ARG A 76 11.11 -0.47 1.07
C ARG A 76 11.23 0.48 -0.13
N LEU A 77 10.56 0.17 -1.21
CA LEU A 77 10.65 1.01 -2.42
C LEU A 77 10.33 2.48 -2.10
N LEU A 78 9.60 2.73 -1.04
CA LEU A 78 9.27 4.14 -0.68
C LEU A 78 10.42 4.74 0.14
N GLU A 79 10.67 4.23 1.32
CA GLU A 79 11.78 4.79 2.16
C GLU A 79 13.05 4.91 1.33
N ALA A 80 13.20 4.07 0.32
CA ALA A 80 14.40 4.16 -0.55
C ALA A 80 14.17 5.30 -1.54
N ARG A 81 13.21 5.13 -2.42
CA ARG A 81 12.91 6.19 -3.43
C ARG A 81 12.97 7.56 -2.74
N THR A 82 12.34 7.71 -1.61
CA THR A 82 12.39 9.01 -0.88
C THR A 82 13.83 9.26 -0.44
N GLY A 83 14.41 8.32 0.26
CA GLY A 83 15.82 8.48 0.73
C GLY A 83 15.83 9.19 2.09
N LYS A 84 14.69 9.24 2.75
CA LYS A 84 14.62 9.92 4.08
C LYS A 84 13.88 9.00 5.06
N LYS A 85 12.75 9.44 5.58
CA LYS A 85 11.98 8.59 6.52
C LYS A 85 10.59 8.34 5.96
N ALA A 86 10.26 7.10 5.70
CA ALA A 86 8.92 6.78 5.12
C ALA A 86 7.84 7.59 5.86
N GLU A 87 7.81 7.52 7.17
CA GLU A 87 6.79 8.28 7.94
C GLU A 87 6.88 9.77 7.57
N GLU A 88 8.07 10.32 7.60
CA GLU A 88 8.25 11.76 7.25
C GLU A 88 7.58 12.66 8.30
N LEU A 89 6.83 12.08 9.21
CA LEU A 89 6.14 12.90 10.25
C LEU A 89 6.46 12.34 11.64
N VAL A 90 5.56 12.53 12.58
CA VAL A 90 5.77 12.02 13.98
C VAL A 90 6.60 13.04 14.78
N GLY A 91 7.45 13.78 14.13
CA GLY A 91 8.28 14.79 14.85
C GLY A 91 9.70 14.80 14.26
N SER A 92 10.68 14.90 15.11
CA SER A 92 12.09 14.93 14.62
C SER A 92 12.60 13.49 14.46
N MET A 1 9.90 9.17 -21.01
CA MET A 1 10.15 7.73 -20.75
C MET A 1 10.18 7.48 -19.24
N GLU A 2 10.67 6.34 -18.82
CA GLU A 2 10.73 6.05 -17.36
C GLU A 2 12.17 6.19 -16.85
N LYS A 3 12.33 6.80 -15.71
CA LYS A 3 13.70 6.99 -15.15
C LYS A 3 13.74 6.44 -13.72
N GLY A 4 12.59 6.23 -13.13
CA GLY A 4 12.53 5.69 -11.74
C GLY A 4 11.15 5.07 -11.48
N GLY A 5 10.42 4.80 -12.53
CA GLY A 5 9.06 4.20 -12.37
C GLY A 5 9.19 2.68 -12.22
N GLU A 6 10.04 2.23 -11.33
CA GLU A 6 10.22 0.77 -11.13
C GLU A 6 9.95 0.41 -9.67
N ALA A 7 9.90 1.39 -8.80
CA ALA A 7 9.65 1.13 -7.35
C ALA A 7 8.54 0.09 -7.17
N LEU A 8 7.32 0.53 -7.03
CA LEU A 8 6.18 -0.43 -6.86
C LEU A 8 5.02 0.05 -7.75
N LYS A 9 5.35 0.67 -8.85
CA LYS A 9 4.30 1.16 -9.79
C LYS A 9 3.80 0.01 -10.65
N GLY A 10 2.79 0.24 -11.45
CA GLY A 10 2.24 -0.84 -12.32
C GLY A 10 1.30 -1.73 -11.50
N LEU A 11 1.23 -1.49 -10.22
CA LEU A 11 0.34 -2.32 -9.35
C LEU A 11 -0.69 -1.41 -8.68
N THR A 12 -1.59 -2.00 -7.92
CA THR A 12 -2.63 -1.20 -7.24
C THR A 12 -2.66 -1.57 -5.75
N PHE A 13 -2.82 -0.60 -4.89
CA PHE A 13 -2.88 -0.89 -3.43
C PHE A 13 -4.20 -0.37 -2.89
N VAL A 14 -4.94 -1.22 -2.23
CA VAL A 14 -6.24 -0.80 -1.69
C VAL A 14 -6.34 -1.11 -0.20
N ILE A 15 -7.26 -0.47 0.47
CA ILE A 15 -7.44 -0.70 1.92
C ILE A 15 -8.89 -1.14 2.17
N THR A 16 -9.11 -2.15 2.97
CA THR A 16 -10.50 -2.62 3.20
C THR A 16 -11.32 -1.47 3.81
N GLY A 17 -11.92 -0.65 2.98
CA GLY A 17 -12.72 0.50 3.49
C GLY A 17 -11.81 1.43 4.29
N GLU A 18 -11.38 0.97 5.43
CA GLU A 18 -10.47 1.77 6.28
C GLU A 18 -9.74 0.82 7.24
N LEU A 19 -8.55 0.44 6.89
CA LEU A 19 -7.77 -0.49 7.77
C LEU A 19 -7.67 0.12 9.16
N SER A 20 -7.27 -0.66 10.13
CA SER A 20 -7.12 -0.12 11.51
C SER A 20 -5.95 0.86 11.56
N ARG A 21 -5.31 1.08 10.43
CA ARG A 21 -4.14 2.01 10.38
C ARG A 21 -4.52 3.23 9.54
N PRO A 22 -3.74 4.29 9.56
CA PRO A 22 -4.03 5.50 8.76
C PRO A 22 -4.02 5.16 7.27
N ARG A 23 -5.18 5.04 6.70
CA ARG A 23 -5.28 4.69 5.26
C ARG A 23 -5.15 5.96 4.41
N GLU A 24 -5.31 7.11 5.01
CA GLU A 24 -5.16 8.38 4.25
C GLU A 24 -3.68 8.73 4.13
N GLU A 25 -2.93 8.52 5.19
CA GLU A 25 -1.48 8.82 5.16
C GLU A 25 -0.79 7.92 4.12
N VAL A 26 -0.91 6.63 4.27
CA VAL A 26 -0.26 5.69 3.30
C VAL A 26 -0.76 5.97 1.89
N LYS A 27 -2.01 6.35 1.74
CA LYS A 27 -2.56 6.63 0.38
C LYS A 27 -1.71 7.69 -0.32
N ALA A 28 -1.38 8.75 0.36
CA ALA A 28 -0.57 9.84 -0.27
C ALA A 28 0.86 9.34 -0.51
N LEU A 29 1.40 8.58 0.41
CA LEU A 29 2.79 8.07 0.23
C LEU A 29 2.81 6.96 -0.83
N LEU A 30 1.74 6.22 -0.95
CA LEU A 30 1.69 5.12 -1.96
C LEU A 30 1.38 5.70 -3.34
N ARG A 31 0.38 6.53 -3.44
CA ARG A 31 0.03 7.13 -4.78
C ARG A 31 1.22 7.95 -5.27
N ARG A 32 1.79 8.75 -4.40
CA ARG A 32 2.97 9.56 -4.81
C ARG A 32 3.99 8.62 -5.47
N LEU A 33 3.98 7.37 -5.04
CA LEU A 33 4.91 6.35 -5.59
C LEU A 33 4.28 5.65 -6.80
N GLY A 34 3.38 6.31 -7.50
CA GLY A 34 2.74 5.66 -8.68
C GLY A 34 1.62 4.75 -8.19
N ALA A 35 1.81 3.45 -8.30
CA ALA A 35 0.80 2.43 -7.84
C ALA A 35 -0.61 3.03 -7.64
N LYS A 36 -1.53 2.71 -8.52
CA LYS A 36 -2.93 3.23 -8.37
C LYS A 36 -3.47 2.83 -7.00
N VAL A 37 -4.46 3.52 -6.50
CA VAL A 37 -5.00 3.18 -5.14
C VAL A 37 -6.53 3.15 -5.16
N THR A 38 -7.11 2.45 -4.22
CA THR A 38 -8.60 2.36 -4.13
C THR A 38 -9.00 1.97 -2.70
N ASP A 39 -10.27 1.87 -2.41
CA ASP A 39 -10.70 1.47 -1.03
C ASP A 39 -11.95 0.59 -1.13
N SER A 40 -12.38 0.27 -2.32
CA SER A 40 -13.58 -0.59 -2.50
C SER A 40 -13.18 -1.83 -3.29
N VAL A 41 -14.02 -2.83 -3.33
CA VAL A 41 -13.68 -4.06 -4.09
C VAL A 41 -14.86 -4.50 -4.95
N SER A 42 -14.61 -4.81 -6.18
CA SER A 42 -15.70 -5.26 -7.09
C SER A 42 -15.12 -6.13 -8.20
N ARG A 43 -13.86 -5.94 -8.52
CA ARG A 43 -13.21 -6.75 -9.60
C ARG A 43 -11.87 -6.11 -9.98
N LYS A 44 -11.89 -4.84 -10.29
CA LYS A 44 -10.63 -4.13 -10.68
C LYS A 44 -9.62 -4.21 -9.53
N THR A 45 -10.08 -4.39 -8.32
CA THR A 45 -9.16 -4.48 -7.16
C THR A 45 -8.67 -5.93 -7.01
N SER A 46 -7.83 -6.17 -6.04
CA SER A 46 -7.31 -7.56 -5.82
C SER A 46 -6.12 -7.53 -4.86
N TYR A 47 -5.46 -6.41 -4.72
CA TYR A 47 -4.29 -6.33 -3.80
C TYR A 47 -4.60 -5.33 -2.68
N LEU A 48 -4.36 -5.72 -1.46
CA LEU A 48 -4.61 -4.80 -0.30
C LEU A 48 -3.29 -4.57 0.42
N VAL A 49 -3.07 -3.38 0.92
CA VAL A 49 -1.80 -3.09 1.65
C VAL A 49 -1.97 -3.47 3.13
N VAL A 50 -1.32 -4.53 3.55
CA VAL A 50 -1.47 -4.97 4.97
C VAL A 50 -0.55 -4.15 5.87
N GLY A 51 -1.04 -3.09 6.46
CA GLY A 51 -0.17 -2.25 7.34
C GLY A 51 -0.25 -2.73 8.79
N GLU A 52 -1.39 -2.57 9.41
CA GLU A 52 -1.52 -2.99 10.84
C GLU A 52 -1.79 -4.50 10.93
N ASN A 53 -2.46 -4.93 11.98
CA ASN A 53 -2.77 -6.37 12.15
C ASN A 53 -4.29 -6.55 12.29
N PRO A 54 -4.88 -6.04 13.36
CA PRO A 54 -6.35 -6.14 13.59
C PRO A 54 -7.16 -5.28 12.61
N GLY A 55 -6.53 -4.83 11.56
CA GLY A 55 -7.26 -3.98 10.57
C GLY A 55 -8.37 -4.78 9.91
N SER A 56 -9.38 -4.10 9.43
CA SER A 56 -10.52 -4.80 8.76
C SER A 56 -10.01 -5.53 7.52
N LYS A 57 -8.76 -5.33 7.17
CA LYS A 57 -8.19 -5.99 5.97
C LYS A 57 -8.42 -7.50 6.03
N LEU A 58 -8.71 -8.02 7.20
CA LEU A 58 -8.95 -9.49 7.33
C LEU A 58 -9.83 -9.98 6.18
N GLU A 59 -10.61 -9.11 5.60
CA GLU A 59 -11.48 -9.53 4.47
C GLU A 59 -10.63 -9.76 3.22
N LYS A 60 -9.96 -8.75 2.71
CA LYS A 60 -9.13 -8.96 1.50
C LYS A 60 -7.75 -9.49 1.88
N ALA A 61 -7.28 -9.17 3.06
CA ALA A 61 -5.94 -9.67 3.49
C ALA A 61 -6.01 -11.19 3.64
N ARG A 62 -7.11 -11.72 4.10
CA ARG A 62 -7.20 -13.20 4.24
C ARG A 62 -7.38 -13.76 2.82
N ALA A 63 -8.19 -13.09 2.04
CA ALA A 63 -8.44 -13.49 0.60
C ALA A 63 -8.47 -15.00 0.39
N LEU A 64 -9.61 -15.54 0.04
CA LEU A 64 -9.70 -16.99 -0.23
C LEU A 64 -9.28 -17.27 -1.68
N GLY A 65 -8.25 -16.62 -2.13
CA GLY A 65 -7.80 -16.82 -3.54
C GLY A 65 -7.28 -15.50 -4.08
N VAL A 66 -7.67 -14.42 -3.45
CA VAL A 66 -7.22 -13.08 -3.92
C VAL A 66 -5.78 -12.80 -3.44
N PRO A 67 -4.97 -12.19 -4.27
CA PRO A 67 -3.56 -11.86 -3.92
C PRO A 67 -3.47 -10.60 -3.04
N THR A 68 -3.01 -10.75 -1.82
CA THR A 68 -2.87 -9.57 -0.92
C THR A 68 -1.39 -9.15 -0.86
N LEU A 69 -1.10 -7.87 -0.92
CA LEU A 69 0.31 -7.44 -0.88
C LEU A 69 0.63 -6.86 0.50
N THR A 70 1.63 -7.38 1.15
CA THR A 70 2.00 -6.88 2.51
C THR A 70 2.48 -5.42 2.43
N GLU A 71 2.17 -4.63 3.42
CA GLU A 71 2.63 -3.22 3.42
C GLU A 71 4.16 -3.20 3.55
N GLU A 72 4.72 -4.28 4.04
CA GLU A 72 6.20 -4.35 4.20
C GLU A 72 6.87 -3.90 2.90
N GLU A 73 6.51 -4.50 1.79
CA GLU A 73 7.11 -4.11 0.49
C GLU A 73 6.82 -2.62 0.22
N LEU A 74 5.69 -2.15 0.71
CA LEU A 74 5.34 -0.71 0.50
C LEU A 74 6.44 0.17 1.10
N TYR A 75 6.76 -0.04 2.35
CA TYR A 75 7.83 0.78 3.00
C TYR A 75 9.14 0.60 2.25
N ARG A 76 9.42 -0.59 1.79
CA ARG A 76 10.69 -0.84 1.05
C ARG A 76 10.81 0.10 -0.16
N LEU A 77 10.15 -0.23 -1.24
CA LEU A 77 10.25 0.61 -2.48
C LEU A 77 10.06 2.09 -2.15
N LEU A 78 9.40 2.41 -1.05
CA LEU A 78 9.21 3.83 -0.69
C LEU A 78 10.49 4.36 -0.02
N GLU A 79 10.89 3.76 1.07
CA GLU A 79 12.13 4.23 1.78
C GLU A 79 13.30 4.38 0.80
N ALA A 80 13.40 3.50 -0.16
CA ALA A 80 14.52 3.63 -1.15
C ALA A 80 14.16 4.74 -2.14
N ARG A 81 13.14 4.53 -2.94
CA ARG A 81 12.72 5.55 -3.95
C ARG A 81 12.84 6.95 -3.31
N THR A 82 12.30 7.12 -2.13
CA THR A 82 12.40 8.44 -1.45
C THR A 82 13.86 8.72 -1.10
N GLY A 83 14.51 7.78 -0.47
CA GLY A 83 15.94 7.97 -0.11
C GLY A 83 16.03 8.54 1.30
N LYS A 84 14.94 8.53 2.04
CA LYS A 84 14.95 9.07 3.42
C LYS A 84 13.91 8.33 4.26
N LYS A 85 13.99 8.41 5.56
CA LYS A 85 13.00 7.71 6.43
C LYS A 85 11.61 8.30 6.17
N ALA A 86 10.85 7.71 5.30
CA ALA A 86 9.50 8.23 5.00
C ALA A 86 8.62 8.15 6.26
N GLU A 87 8.84 7.16 7.07
CA GLU A 87 8.01 7.02 8.31
C GLU A 87 8.30 8.19 9.24
N GLU A 88 9.56 8.48 9.49
CA GLU A 88 9.92 9.62 10.39
C GLU A 88 9.26 9.44 11.77
N LEU A 89 7.99 9.75 11.87
CA LEU A 89 7.24 9.63 13.17
C LEU A 89 7.80 8.47 14.01
N VAL A 90 8.09 7.35 13.40
CA VAL A 90 8.63 6.19 14.17
C VAL A 90 9.81 6.66 15.03
N GLY A 91 10.80 7.26 14.42
CA GLY A 91 11.98 7.75 15.19
C GLY A 91 12.48 9.05 14.57
N SER A 92 12.71 10.06 15.38
CA SER A 92 13.19 11.37 14.83
C SER A 92 14.66 11.22 14.41
N MET A 1 9.03 10.99 -14.56
CA MET A 1 10.22 11.50 -15.31
C MET A 1 10.59 10.48 -16.40
N GLU A 2 9.88 10.49 -17.50
CA GLU A 2 10.18 9.53 -18.61
C GLU A 2 9.83 8.10 -18.16
N LYS A 3 10.54 7.57 -17.20
CA LYS A 3 10.25 6.20 -16.72
C LYS A 3 9.21 6.25 -15.61
N GLY A 4 8.64 7.41 -15.36
CA GLY A 4 7.61 7.54 -14.29
C GLY A 4 8.24 7.28 -12.92
N GLY A 5 8.11 6.09 -12.42
CA GLY A 5 8.71 5.75 -11.09
C GLY A 5 9.54 4.48 -11.22
N GLU A 6 9.42 3.58 -10.27
CA GLU A 6 10.19 2.30 -10.31
C GLU A 6 9.85 1.49 -9.06
N ALA A 7 9.84 2.17 -7.93
CA ALA A 7 9.55 1.52 -6.61
C ALA A 7 8.73 0.22 -6.78
N LEU A 8 7.44 0.30 -6.64
CA LEU A 8 6.59 -0.92 -6.78
C LEU A 8 5.50 -0.63 -7.81
N LYS A 9 5.70 0.39 -8.60
CA LYS A 9 4.70 0.79 -9.65
C LYS A 9 4.28 -0.44 -10.49
N GLY A 10 3.30 -0.26 -11.34
CA GLY A 10 2.84 -1.38 -12.20
C GLY A 10 1.78 -2.20 -11.46
N LEU A 11 1.76 -2.12 -10.15
CA LEU A 11 0.75 -2.89 -9.37
C LEU A 11 -0.22 -1.94 -8.66
N THR A 12 -1.27 -2.48 -8.12
CA THR A 12 -2.27 -1.63 -7.41
C THR A 12 -2.32 -2.06 -5.94
N PHE A 13 -2.48 -1.12 -5.05
CA PHE A 13 -2.54 -1.46 -3.60
C PHE A 13 -3.94 -1.13 -3.09
N VAL A 14 -4.62 -2.10 -2.51
CA VAL A 14 -6.01 -1.84 -2.00
C VAL A 14 -6.06 -2.06 -0.50
N ILE A 15 -6.96 -1.39 0.16
CA ILE A 15 -7.10 -1.54 1.63
C ILE A 15 -8.54 -1.92 1.95
N THR A 16 -8.74 -2.86 2.84
CA THR A 16 -10.14 -3.29 3.15
C THR A 16 -10.90 -2.11 3.75
N GLY A 17 -11.58 -1.35 2.92
CA GLY A 17 -12.34 -0.17 3.46
C GLY A 17 -11.52 0.43 4.60
N GLU A 18 -10.22 0.51 4.40
CA GLU A 18 -9.31 1.08 5.44
C GLU A 18 -9.15 0.10 6.59
N LEU A 19 -8.00 -0.51 6.70
CA LEU A 19 -7.75 -1.47 7.81
C LEU A 19 -7.86 -0.69 9.14
N SER A 20 -7.72 -1.35 10.27
CA SER A 20 -7.81 -0.60 11.57
C SER A 20 -6.54 0.22 11.76
N ARG A 21 -6.26 1.12 10.85
CA ARG A 21 -5.03 1.96 10.94
C ARG A 21 -5.21 3.25 10.12
N PRO A 22 -4.25 4.16 10.21
CA PRO A 22 -4.30 5.45 9.45
C PRO A 22 -4.15 5.25 7.94
N ARG A 23 -4.64 4.14 7.45
CA ARG A 23 -4.53 3.79 5.99
C ARG A 23 -4.82 4.99 5.08
N GLU A 24 -5.29 6.09 5.60
CA GLU A 24 -5.53 7.28 4.73
C GLU A 24 -4.18 7.97 4.48
N GLU A 25 -3.43 8.16 5.54
CA GLU A 25 -2.09 8.81 5.42
C GLU A 25 -1.19 7.96 4.52
N VAL A 26 -1.03 6.70 4.84
CA VAL A 26 -0.17 5.80 4.00
C VAL A 26 -0.70 5.80 2.57
N LYS A 27 -1.99 5.93 2.41
CA LYS A 27 -2.57 5.94 1.03
C LYS A 27 -2.04 7.15 0.27
N ALA A 28 -1.76 8.22 0.96
CA ALA A 28 -1.22 9.43 0.28
C ALA A 28 0.20 9.10 -0.19
N LEU A 29 0.92 8.31 0.57
CA LEU A 29 2.29 7.92 0.19
C LEU A 29 2.23 6.71 -0.75
N LEU A 30 1.15 5.97 -0.70
CA LEU A 30 1.02 4.77 -1.59
C LEU A 30 0.75 5.24 -3.02
N ARG A 31 -0.19 6.12 -3.21
CA ARG A 31 -0.50 6.62 -4.58
C ARG A 31 0.73 7.34 -5.13
N ARG A 32 1.35 8.16 -4.32
CA ARG A 32 2.56 8.90 -4.77
C ARG A 32 3.60 7.89 -5.29
N LEU A 33 3.65 6.74 -4.67
CA LEU A 33 4.63 5.69 -5.09
C LEU A 33 4.29 5.14 -6.48
N GLY A 34 3.47 5.84 -7.23
CA GLY A 34 3.12 5.36 -8.60
C GLY A 34 2.03 4.28 -8.55
N ALA A 35 2.12 3.37 -7.62
CA ALA A 35 1.09 2.29 -7.53
C ALA A 35 -0.31 2.90 -7.38
N LYS A 36 -1.30 2.26 -7.92
CA LYS A 36 -2.69 2.80 -7.81
C LYS A 36 -3.25 2.44 -6.44
N VAL A 37 -4.18 3.22 -5.94
CA VAL A 37 -4.77 2.92 -4.59
C VAL A 37 -6.29 2.79 -4.71
N THR A 38 -6.87 1.86 -4.01
CA THR A 38 -8.35 1.67 -4.07
C THR A 38 -8.83 1.08 -2.74
N ASP A 39 -10.03 0.56 -2.70
CA ASP A 39 -10.55 -0.03 -1.43
C ASP A 39 -11.65 -1.07 -1.72
N SER A 40 -12.06 -1.22 -2.96
CA SER A 40 -13.13 -2.21 -3.30
C SER A 40 -12.52 -3.38 -4.08
N VAL A 41 -13.34 -4.18 -4.71
CA VAL A 41 -12.82 -5.33 -5.49
C VAL A 41 -13.62 -5.51 -6.79
N SER A 42 -12.96 -5.60 -7.90
CA SER A 42 -13.67 -5.78 -9.21
C SER A 42 -12.83 -6.74 -10.06
N ARG A 43 -12.63 -7.92 -9.57
CA ARG A 43 -11.84 -8.97 -10.30
C ARG A 43 -10.57 -8.36 -10.94
N LYS A 44 -10.18 -7.17 -10.54
CA LYS A 44 -8.96 -6.54 -11.13
C LYS A 44 -8.29 -5.63 -10.10
N THR A 45 -8.79 -5.60 -8.89
CA THR A 45 -8.19 -4.73 -7.85
C THR A 45 -8.53 -5.30 -6.47
N SER A 46 -7.80 -6.28 -6.02
CA SER A 46 -8.10 -6.89 -4.69
C SER A 46 -6.79 -7.21 -3.95
N TYR A 47 -5.92 -6.24 -3.85
CA TYR A 47 -4.63 -6.43 -3.13
C TYR A 47 -4.77 -5.77 -1.76
N LEU A 48 -4.45 -6.47 -0.71
CA LEU A 48 -4.59 -5.87 0.64
C LEU A 48 -3.21 -5.51 1.20
N VAL A 49 -2.96 -4.25 1.40
CA VAL A 49 -1.65 -3.84 1.97
C VAL A 49 -1.73 -4.05 3.48
N VAL A 50 -1.00 -5.00 4.01
CA VAL A 50 -1.07 -5.27 5.48
C VAL A 50 -0.85 -3.96 6.25
N GLY A 51 -1.13 -3.96 7.52
CA GLY A 51 -0.95 -2.71 8.32
C GLY A 51 -0.92 -3.02 9.81
N GLU A 52 -1.82 -3.84 10.26
CA GLU A 52 -1.86 -4.17 11.73
C GLU A 52 -2.20 -5.66 11.93
N ASN A 53 -2.88 -5.98 12.99
CA ASN A 53 -3.25 -7.40 13.25
C ASN A 53 -4.78 -7.52 13.31
N PRO A 54 -5.42 -6.88 14.28
CA PRO A 54 -6.90 -6.93 14.41
C PRO A 54 -7.59 -6.07 13.34
N GLY A 55 -6.84 -5.59 12.39
CA GLY A 55 -7.43 -4.74 11.31
C GLY A 55 -8.51 -5.51 10.57
N SER A 56 -9.40 -4.80 9.91
CA SER A 56 -10.48 -5.49 9.14
C SER A 56 -9.85 -6.31 8.03
N LYS A 57 -8.55 -6.18 7.87
CA LYS A 57 -7.83 -6.96 6.81
C LYS A 57 -8.14 -8.44 6.94
N LEU A 58 -8.52 -8.89 8.11
CA LEU A 58 -8.83 -10.34 8.32
C LEU A 58 -9.70 -10.85 7.17
N GLU A 59 -10.46 -9.98 6.56
CA GLU A 59 -11.35 -10.41 5.44
C GLU A 59 -10.55 -10.49 4.14
N LYS A 60 -10.03 -9.40 3.65
CA LYS A 60 -9.26 -9.47 2.39
C LYS A 60 -7.96 -10.24 2.62
N ALA A 61 -7.36 -10.08 3.76
CA ALA A 61 -6.09 -10.81 4.05
C ALA A 61 -6.35 -12.31 3.99
N ARG A 62 -7.43 -12.80 4.57
CA ARG A 62 -7.71 -14.25 4.48
C ARG A 62 -7.79 -14.60 3.00
N ALA A 63 -8.37 -13.72 2.23
CA ALA A 63 -8.46 -13.90 0.75
C ALA A 63 -8.73 -15.36 0.37
N LEU A 64 -9.97 -15.75 0.28
CA LEU A 64 -10.27 -17.15 -0.12
C LEU A 64 -10.28 -17.23 -1.65
N GLY A 65 -9.51 -16.40 -2.30
CA GLY A 65 -9.46 -16.42 -3.79
C GLY A 65 -8.73 -15.17 -4.28
N VAL A 66 -8.86 -14.07 -3.58
CA VAL A 66 -8.17 -12.82 -4.01
C VAL A 66 -6.75 -12.78 -3.44
N PRO A 67 -5.89 -11.97 -4.02
CA PRO A 67 -4.48 -11.82 -3.56
C PRO A 67 -4.31 -10.73 -2.49
N THR A 68 -3.37 -10.93 -1.59
CA THR A 68 -3.13 -9.92 -0.52
C THR A 68 -1.64 -9.50 -0.60
N LEU A 69 -1.35 -8.22 -0.65
CA LEU A 69 0.09 -7.80 -0.76
C LEU A 69 0.61 -7.30 0.59
N THR A 70 1.65 -7.91 1.08
CA THR A 70 2.23 -7.49 2.40
C THR A 70 2.71 -6.03 2.34
N GLU A 71 2.52 -5.30 3.40
CA GLU A 71 2.97 -3.88 3.43
C GLU A 71 4.49 -3.85 3.54
N GLU A 72 5.08 -4.91 4.03
CA GLU A 72 6.56 -4.96 4.16
C GLU A 72 7.20 -4.50 2.85
N GLU A 73 6.75 -5.05 1.74
CA GLU A 73 7.31 -4.64 0.42
C GLU A 73 7.08 -3.13 0.23
N LEU A 74 5.95 -2.64 0.65
CA LEU A 74 5.67 -1.18 0.52
C LEU A 74 6.78 -0.39 1.22
N TYR A 75 7.11 -0.77 2.42
CA TYR A 75 8.19 -0.06 3.16
C TYR A 75 9.51 -0.22 2.40
N ARG A 76 9.74 -1.35 1.81
CA ARG A 76 11.00 -1.58 1.05
C ARG A 76 11.07 -0.60 -0.13
N LEU A 77 10.33 -0.87 -1.18
CA LEU A 77 10.36 0.02 -2.38
C LEU A 77 10.18 1.49 -1.97
N LEU A 78 9.49 1.75 -0.89
CA LEU A 78 9.31 3.16 -0.44
C LEU A 78 10.60 3.67 0.21
N GLU A 79 11.02 3.04 1.27
CA GLU A 79 12.28 3.47 1.97
C GLU A 79 13.40 3.67 0.94
N ALA A 80 13.38 2.92 -0.13
CA ALA A 80 14.43 3.09 -1.18
C ALA A 80 14.04 4.30 -2.03
N ARG A 81 12.95 4.20 -2.75
CA ARG A 81 12.49 5.34 -3.60
C ARG A 81 12.71 6.66 -2.86
N THR A 82 12.27 6.73 -1.63
CA THR A 82 12.46 7.97 -0.83
C THR A 82 13.96 8.13 -0.57
N GLY A 83 14.61 7.07 -0.14
CA GLY A 83 16.06 7.14 0.16
C GLY A 83 16.28 7.68 1.56
N LYS A 84 15.27 7.64 2.38
CA LYS A 84 15.40 8.16 3.77
C LYS A 84 14.37 7.44 4.66
N LYS A 85 13.51 8.17 5.32
CA LYS A 85 12.49 7.54 6.19
C LYS A 85 11.10 7.92 5.68
N ALA A 86 10.12 7.06 5.86
CA ALA A 86 8.75 7.38 5.39
C ALA A 86 8.25 8.64 6.11
N GLU A 87 8.77 8.91 7.28
CA GLU A 87 8.35 10.12 8.04
C GLU A 87 9.15 11.32 7.55
N GLU A 88 10.27 11.08 6.90
CA GLU A 88 11.12 12.20 6.39
C GLU A 88 11.64 13.02 7.57
N LEU A 89 11.26 14.28 7.66
CA LEU A 89 11.73 15.13 8.78
C LEU A 89 10.52 15.72 9.51
N VAL A 90 9.36 15.68 8.90
CA VAL A 90 8.13 16.22 9.54
C VAL A 90 8.38 17.67 10.00
N GLY A 91 8.45 17.91 11.28
CA GLY A 91 8.68 19.29 11.79
C GLY A 91 9.92 19.90 11.12
N SER A 92 9.76 21.06 10.54
CA SER A 92 10.91 21.74 9.86
C SER A 92 12.06 21.95 10.86
#